data_4CSW
#
_entry.id   4CSW
#
_cell.length_a   158.300
_cell.length_b   87.690
_cell.length_c   90.610
_cell.angle_alpha   90.00
_cell.angle_beta   113.10
_cell.angle_gamma   90.00
#
_symmetry.space_group_name_H-M   'C 1 2 1'
#
loop_
_entity.id
_entity.type
_entity.pdbx_description
1 polymer 'CUPIN 4 FAMILY PROTEIN'
2 non-polymer 'CITRIC ACID'
3 non-polymer N-[(1-CHLORO-4-HYDROXYISOQUINOLIN-3-YL)CARBONYL]GLYCINE
4 non-polymer GLYCEROL
5 non-polymer 'MANGANESE (II) ION'
6 water water
#
_entity_poly.entity_id   1
_entity_poly.type   'polypeptide(L)'
_entity_poly.pdbx_seq_one_letter_code
;HHHHSSGLVPRGSHMQLPETILGGLAPEEFLANYWQKRPLLIRQALPGFRSPITPEELAGLACEEGVTARLILEKGGAYP
WEVRYGPFEPEDFVALPPTHWTLLVQEVDRLVPEVAALLETVRFVPNWRLDDIMVSYAPEGGTVGAHIDNYDVFLVQAWG
RRRWQINHRPVEREELVPGLEVRLLAHFEPDAEWILEPGDVLYLPPRIPHYGVALEDCMTFSIGFRAPDQAELAEAMPRM
AAWLDGGRRYADPDLTPADEPGEITPEALDQIQALLRALIDDRERLARWFGCIITEPRRGLPPEPPGRPLSAKQLHRRLQ
QGATLRRNAIPELAYVRHADGSATLFASGEAYELSPELADVAPLLTGRRPLTAETLRPWLERDDFLELLQTLIHSGILSL
IPARKR
;
_entity_poly.pdbx_strand_id   A,B
#
loop_
_chem_comp.id
_chem_comp.type
_chem_comp.name
_chem_comp.formula
CIT non-polymer 'CITRIC ACID' 'C6 H8 O7'
GOL non-polymer GLYCEROL 'C3 H8 O3'
MN non-polymer 'MANGANESE (II) ION' 'Mn 2'
UN9 non-polymer N-[(1-CHLORO-4-HYDROXYISOQUINOLIN-3-YL)CARBONYL]GLYCINE 'C12 H9 Cl N2 O4'
#
# COMPACT_ATOMS: atom_id res chain seq x y z
N GLN A 16 -8.42 -8.39 -42.47
CA GLN A 16 -9.72 -8.83 -41.97
C GLN A 16 -10.38 -7.74 -41.16
N LEU A 17 -9.57 -6.88 -40.54
CA LEU A 17 -10.07 -5.82 -39.67
C LEU A 17 -9.65 -4.45 -40.17
N PRO A 18 -10.52 -3.44 -40.01
CA PRO A 18 -10.18 -2.07 -40.43
C PRO A 18 -9.13 -1.44 -39.53
N GLU A 19 -8.54 -0.33 -39.99
CA GLU A 19 -7.52 0.38 -39.23
C GLU A 19 -8.05 0.83 -37.87
N THR A 20 -9.29 1.31 -37.85
CA THR A 20 -9.93 1.75 -36.62
C THR A 20 -11.34 1.20 -36.51
N ILE A 21 -11.93 1.37 -35.33
CA ILE A 21 -13.27 0.84 -35.05
C ILE A 21 -14.33 1.92 -35.31
N LEU A 22 -13.94 3.00 -35.97
CA LEU A 22 -14.81 4.16 -36.10
C LEU A 22 -15.51 4.23 -37.47
N GLY A 23 -15.13 3.34 -38.38
CA GLY A 23 -15.73 3.30 -39.70
C GLY A 23 -15.56 4.61 -40.47
N GLY A 24 -16.67 5.29 -40.71
CA GLY A 24 -16.66 6.51 -41.51
C GLY A 24 -16.04 7.70 -40.81
N LEU A 25 -15.97 7.66 -39.48
CA LEU A 25 -15.49 8.79 -38.70
C LEU A 25 -13.97 8.82 -38.61
N ALA A 26 -13.42 10.02 -38.45
CA ALA A 26 -11.99 10.22 -38.28
C ALA A 26 -11.64 10.23 -36.79
N PRO A 27 -10.50 9.62 -36.41
CA PRO A 27 -10.08 9.61 -35.01
C PRO A 27 -10.08 11.00 -34.36
N GLU A 28 -9.67 12.01 -35.12
CA GLU A 28 -9.63 13.38 -34.61
C GLU A 28 -11.02 13.87 -34.25
N GLU A 29 -11.98 13.63 -35.13
CA GLU A 29 -13.36 14.05 -34.90
C GLU A 29 -13.98 13.31 -33.71
N PHE A 30 -13.78 12.01 -33.66
CA PHE A 30 -14.35 11.19 -32.59
C PHE A 30 -13.91 11.66 -31.22
N LEU A 31 -12.59 11.79 -31.04
CA LEU A 31 -12.04 12.21 -29.76
C LEU A 31 -12.46 13.64 -29.41
N ALA A 32 -12.76 14.43 -30.42
CA ALA A 32 -13.13 15.82 -30.23
C ALA A 32 -14.59 15.99 -29.83
N ASN A 33 -15.46 15.17 -30.42
CA ASN A 33 -16.90 15.37 -30.30
C ASN A 33 -17.67 14.29 -29.52
N TYR A 34 -17.01 13.18 -29.21
CA TYR A 34 -17.69 12.06 -28.56
C TYR A 34 -16.97 11.49 -27.34
N TRP A 35 -15.65 11.36 -27.45
CA TRP A 35 -14.85 10.74 -26.39
C TRP A 35 -15.05 11.42 -25.04
N GLN A 36 -15.60 10.67 -24.09
CA GLN A 36 -15.89 11.15 -22.75
C GLN A 36 -16.89 12.31 -22.76
N LYS A 37 -17.80 12.29 -23.72
CA LYS A 37 -18.86 13.31 -23.81
C LYS A 37 -20.19 12.69 -24.21
N ARG A 38 -20.25 12.20 -25.45
CA ARG A 38 -21.50 11.72 -26.06
C ARG A 38 -21.39 10.26 -26.48
N PRO A 39 -22.48 9.49 -26.34
CA PRO A 39 -22.52 8.14 -26.92
C PRO A 39 -22.48 8.18 -28.44
N LEU A 40 -22.05 7.08 -29.07
CA LEU A 40 -22.05 6.98 -30.53
C LEU A 40 -22.33 5.55 -30.98
N LEU A 41 -23.30 5.41 -31.88
CA LEU A 41 -23.59 4.14 -32.51
C LEU A 41 -22.97 4.08 -33.89
N ILE A 42 -21.95 3.23 -34.04
CA ILE A 42 -21.29 3.03 -35.32
C ILE A 42 -21.79 1.73 -35.94
N ARG A 43 -22.57 1.85 -37.00
CA ARG A 43 -23.15 0.68 -37.66
C ARG A 43 -22.17 0.05 -38.64
N GLN A 44 -22.02 -1.26 -38.53
CA GLN A 44 -21.05 -2.02 -39.32
C GLN A 44 -19.65 -1.42 -39.22
N ALA A 45 -19.23 -1.13 -38.00
CA ALA A 45 -17.89 -0.63 -37.74
C ALA A 45 -16.85 -1.69 -38.07
N LEU A 46 -17.24 -2.94 -37.86
CA LEU A 46 -16.39 -4.10 -38.15
C LEU A 46 -17.10 -4.98 -39.16
N PRO A 47 -17.06 -4.60 -40.45
CA PRO A 47 -17.84 -5.31 -41.47
C PRO A 47 -17.52 -6.80 -41.56
N GLY A 48 -18.55 -7.62 -41.43
CA GLY A 48 -18.40 -9.06 -41.56
C GLY A 48 -17.67 -9.71 -40.40
N PHE A 49 -17.54 -8.98 -39.29
CA PHE A 49 -16.88 -9.51 -38.11
C PHE A 49 -17.78 -10.43 -37.29
N ARG A 50 -17.40 -11.70 -37.23
CA ARG A 50 -18.05 -12.66 -36.34
C ARG A 50 -17.07 -13.05 -35.25
N SER A 51 -17.58 -13.62 -34.16
CA SER A 51 -16.72 -13.96 -33.02
C SER A 51 -15.74 -15.08 -33.38
N PRO A 52 -14.47 -14.95 -32.95
CA PRO A 52 -13.48 -15.98 -33.23
C PRO A 52 -13.57 -17.19 -32.29
N ILE A 53 -14.28 -17.06 -31.18
CA ILE A 53 -14.51 -18.18 -30.26
C ILE A 53 -16.00 -18.47 -30.12
N THR A 54 -16.32 -19.68 -29.69
CA THR A 54 -17.70 -20.12 -29.49
C THR A 54 -18.05 -20.16 -28.00
N PRO A 55 -19.35 -20.19 -27.67
CA PRO A 55 -19.78 -20.24 -26.27
C PRO A 55 -19.17 -21.39 -25.47
N GLU A 56 -18.95 -22.53 -26.11
CA GLU A 56 -18.33 -23.67 -25.44
C GLU A 56 -16.84 -23.43 -25.28
N GLU A 57 -16.25 -22.74 -26.25
CA GLU A 57 -14.86 -22.30 -26.13
C GLU A 57 -14.75 -21.35 -24.95
N LEU A 58 -15.75 -20.48 -24.83
CA LEU A 58 -15.80 -19.49 -23.76
C LEU A 58 -16.03 -20.16 -22.41
N ALA A 59 -16.90 -21.16 -22.39
CA ALA A 59 -17.16 -21.93 -21.18
C ALA A 59 -15.88 -22.63 -20.73
N GLY A 60 -15.08 -23.06 -21.70
CA GLY A 60 -13.79 -23.67 -21.43
C GLY A 60 -12.83 -22.71 -20.74
N LEU A 61 -12.84 -21.46 -21.17
CA LEU A 61 -11.99 -20.44 -20.54
C LEU A 61 -12.46 -20.20 -19.12
N ALA A 62 -13.77 -20.18 -18.92
CA ALA A 62 -14.35 -19.91 -17.61
C ALA A 62 -14.06 -21.01 -16.60
N CYS A 63 -13.54 -22.14 -17.07
CA CYS A 63 -13.21 -23.26 -16.18
C CYS A 63 -11.74 -23.24 -15.74
N GLU A 64 -10.92 -22.45 -16.44
CA GLU A 64 -9.49 -22.42 -16.15
C GLU A 64 -9.20 -21.73 -14.81
N GLU A 65 -8.09 -22.11 -14.19
CA GLU A 65 -7.68 -21.51 -12.92
C GLU A 65 -7.23 -20.07 -13.11
N GLY A 66 -7.65 -19.20 -12.21
CA GLY A 66 -7.21 -17.81 -12.20
C GLY A 66 -8.05 -16.86 -13.02
N VAL A 67 -8.99 -17.38 -13.80
CA VAL A 67 -9.81 -16.53 -14.65
C VAL A 67 -10.97 -15.92 -13.85
N THR A 68 -11.45 -14.79 -14.34
CA THR A 68 -12.53 -14.07 -13.68
C THR A 68 -13.81 -14.19 -14.51
N ALA A 69 -14.70 -15.07 -14.08
CA ALA A 69 -15.92 -15.37 -14.84
C ALA A 69 -17.17 -15.28 -13.97
N ARG A 70 -18.28 -14.89 -14.60
CA ARG A 70 -19.54 -14.67 -13.89
C ARG A 70 -20.71 -15.33 -14.61
N LEU A 71 -21.58 -15.95 -13.83
CA LEU A 71 -22.82 -16.53 -14.34
C LEU A 71 -23.99 -15.82 -13.66
N ILE A 72 -24.81 -15.14 -14.46
CA ILE A 72 -25.92 -14.34 -13.93
C ILE A 72 -27.26 -14.86 -14.44
N LEU A 73 -28.12 -15.28 -13.52
CA LEU A 73 -29.46 -15.75 -13.87
C LEU A 73 -30.52 -14.77 -13.35
N GLU A 74 -31.14 -14.04 -14.27
CA GLU A 74 -32.20 -13.10 -13.91
C GLU A 74 -33.35 -13.83 -13.24
N LYS A 75 -33.67 -15.00 -13.76
CA LYS A 75 -34.71 -15.85 -13.21
C LYS A 75 -34.38 -17.31 -13.50
N GLY A 76 -35.05 -18.23 -12.81
CA GLY A 76 -34.78 -19.64 -12.98
C GLY A 76 -33.59 -20.11 -12.17
N GLY A 77 -33.00 -19.19 -11.41
CA GLY A 77 -31.93 -19.52 -10.49
C GLY A 77 -32.51 -19.83 -9.12
N ALA A 78 -31.63 -20.01 -8.14
CA ALA A 78 -32.07 -20.27 -6.77
C ALA A 78 -32.91 -19.10 -6.25
N TYR A 79 -32.59 -17.90 -6.75
CA TYR A 79 -33.31 -16.70 -6.38
C TYR A 79 -33.14 -15.66 -7.49
N PRO A 80 -33.96 -14.60 -7.48
CA PRO A 80 -33.84 -13.58 -8.53
C PRO A 80 -32.46 -12.95 -8.59
N TRP A 81 -31.90 -12.85 -9.79
CA TRP A 81 -30.59 -12.28 -10.01
C TRP A 81 -29.51 -13.00 -9.21
N GLU A 82 -29.48 -14.33 -9.30
CA GLU A 82 -28.43 -15.11 -8.70
C GLU A 82 -27.14 -14.95 -9.50
N VAL A 83 -26.02 -14.79 -8.80
CA VAL A 83 -24.72 -14.73 -9.43
C VAL A 83 -23.85 -15.89 -8.96
N ARG A 84 -23.16 -16.52 -9.91
CA ARG A 84 -22.24 -17.60 -9.61
C ARG A 84 -20.86 -17.25 -10.15
N TYR A 85 -19.85 -17.40 -9.32
CA TYR A 85 -18.50 -16.96 -9.67
C TYR A 85 -17.61 -18.13 -10.07
N GLY A 86 -16.81 -17.90 -11.11
CA GLY A 86 -15.84 -18.87 -11.55
C GLY A 86 -14.65 -18.89 -10.61
N PRO A 87 -13.68 -19.78 -10.86
CA PRO A 87 -13.64 -20.74 -11.98
C PRO A 87 -14.69 -21.85 -11.85
N PHE A 88 -15.26 -22.24 -12.98
CA PHE A 88 -16.31 -23.26 -13.02
C PHE A 88 -15.75 -24.63 -13.37
N GLU A 89 -16.65 -25.60 -13.46
CA GLU A 89 -16.34 -26.90 -14.04
C GLU A 89 -17.45 -27.24 -15.03
N PRO A 90 -17.13 -28.03 -16.07
CA PRO A 90 -18.06 -28.30 -17.19
C PRO A 90 -19.48 -28.68 -16.76
N GLU A 91 -19.62 -29.33 -15.61
CA GLU A 91 -20.92 -29.68 -15.08
C GLU A 91 -21.83 -28.46 -14.90
N ASP A 92 -21.23 -27.34 -14.52
CA ASP A 92 -22.00 -26.15 -14.16
C ASP A 92 -22.81 -25.54 -15.31
N PHE A 93 -22.59 -26.00 -16.53
CA PHE A 93 -23.23 -25.41 -17.70
C PHE A 93 -24.31 -26.30 -18.32
N VAL A 94 -24.48 -27.50 -17.79
CA VAL A 94 -25.39 -28.47 -18.40
C VAL A 94 -26.85 -28.22 -18.03
N ALA A 95 -27.10 -27.92 -16.76
CA ALA A 95 -28.46 -27.82 -16.25
C ALA A 95 -28.95 -26.38 -16.10
N LEU A 96 -28.37 -25.47 -16.86
CA LEU A 96 -28.81 -24.07 -16.83
C LEU A 96 -30.15 -23.95 -17.54
N PRO A 97 -30.91 -22.88 -17.24
CA PRO A 97 -32.20 -22.70 -17.91
C PRO A 97 -32.08 -22.54 -19.41
N PRO A 98 -33.20 -22.70 -20.14
CA PRO A 98 -33.18 -22.47 -21.59
C PRO A 98 -32.96 -21.01 -21.95
N THR A 99 -33.08 -20.12 -20.98
CA THR A 99 -33.14 -18.69 -21.29
C THR A 99 -32.88 -17.81 -20.08
N HIS A 100 -32.73 -16.52 -20.36
CA HIS A 100 -32.59 -15.49 -19.33
C HIS A 100 -31.40 -15.72 -18.38
N TRP A 101 -30.21 -15.88 -18.95
CA TRP A 101 -28.98 -15.89 -18.17
C TRP A 101 -27.80 -15.46 -19.05
N THR A 102 -26.64 -15.29 -18.44
CA THR A 102 -25.48 -14.79 -19.16
C THR A 102 -24.18 -15.30 -18.55
N LEU A 103 -23.22 -15.61 -19.40
CA LEU A 103 -21.85 -15.89 -18.98
C LEU A 103 -21.00 -14.69 -19.36
N LEU A 104 -20.16 -14.25 -18.44
CA LEU A 104 -19.23 -13.14 -18.70
C LEU A 104 -17.84 -13.54 -18.27
N VAL A 105 -16.87 -13.37 -19.16
CA VAL A 105 -15.48 -13.71 -18.89
C VAL A 105 -14.60 -12.49 -19.14
N GLN A 106 -13.70 -12.21 -18.20
CA GLN A 106 -12.82 -11.05 -18.29
C GLN A 106 -11.47 -11.44 -18.87
N GLU A 107 -10.77 -10.47 -19.46
CA GLU A 107 -9.41 -10.64 -19.94
C GLU A 107 -9.29 -11.78 -20.96
N VAL A 108 -10.30 -11.92 -21.81
CA VAL A 108 -10.28 -12.92 -22.86
C VAL A 108 -9.22 -12.57 -23.90
N ASP A 109 -8.89 -11.29 -23.99
CA ASP A 109 -7.86 -10.84 -24.91
C ASP A 109 -6.49 -11.40 -24.51
N ARG A 110 -6.29 -11.59 -23.21
CA ARG A 110 -5.03 -12.12 -22.71
C ARG A 110 -5.00 -13.65 -22.75
N LEU A 111 -6.14 -14.25 -23.07
CA LEU A 111 -6.25 -15.70 -23.17
C LEU A 111 -6.27 -16.17 -24.62
N VAL A 112 -7.00 -15.44 -25.46
CA VAL A 112 -7.17 -15.82 -26.87
C VAL A 112 -6.59 -14.75 -27.80
N PRO A 113 -5.45 -15.07 -28.47
CA PRO A 113 -4.81 -14.14 -29.40
C PRO A 113 -5.73 -13.55 -30.46
N GLU A 114 -6.64 -14.35 -30.99
CA GLU A 114 -7.52 -13.88 -32.07
C GLU A 114 -8.50 -12.82 -31.57
N VAL A 115 -8.77 -12.83 -30.27
CA VAL A 115 -9.64 -11.81 -29.68
C VAL A 115 -8.83 -10.53 -29.44
N ALA A 116 -7.57 -10.69 -29.03
CA ALA A 116 -6.68 -9.56 -28.83
C ALA A 116 -6.41 -8.82 -30.14
N ALA A 117 -6.64 -9.51 -31.27
CA ALA A 117 -6.46 -8.89 -32.57
C ALA A 117 -7.44 -7.73 -32.75
N LEU A 118 -8.57 -7.81 -32.04
CA LEU A 118 -9.59 -6.76 -32.11
C LEU A 118 -9.08 -5.46 -31.49
N LEU A 119 -8.01 -5.56 -30.71
CA LEU A 119 -7.52 -4.44 -29.92
C LEU A 119 -6.74 -3.44 -30.77
N GLU A 120 -6.40 -3.83 -32.00
CA GLU A 120 -5.67 -2.96 -32.92
C GLU A 120 -6.61 -2.11 -33.78
N THR A 121 -7.85 -1.95 -33.32
CA THR A 121 -8.81 -1.06 -33.95
C THR A 121 -9.11 0.13 -33.05
N VAL A 122 -8.34 0.26 -31.98
CA VAL A 122 -8.61 1.22 -30.92
C VAL A 122 -7.28 1.87 -30.50
N ARG A 123 -6.29 1.78 -31.38
CA ARG A 123 -4.94 2.20 -31.06
C ARG A 123 -4.72 3.71 -31.13
N PHE A 124 -5.79 4.46 -31.42
CA PHE A 124 -5.73 5.91 -31.33
C PHE A 124 -5.81 6.34 -29.87
N VAL A 125 -6.13 5.39 -29.00
CA VAL A 125 -6.09 5.61 -27.56
C VAL A 125 -4.79 5.02 -27.03
N PRO A 126 -4.15 5.69 -26.06
CA PRO A 126 -2.89 5.13 -25.55
C PRO A 126 -3.06 3.77 -24.90
N ASN A 127 -1.97 3.01 -24.84
CA ASN A 127 -2.01 1.64 -24.34
C ASN A 127 -2.46 1.53 -22.88
N TRP A 128 -1.93 2.37 -22.02
CA TRP A 128 -2.19 2.26 -20.59
C TRP A 128 -3.65 2.56 -20.26
N ARG A 129 -4.33 3.24 -21.19
CA ARG A 129 -5.75 3.56 -21.03
C ARG A 129 -6.63 2.38 -21.41
N LEU A 130 -6.04 1.35 -22.00
CA LEU A 130 -6.77 0.12 -22.31
C LEU A 130 -6.78 -0.81 -21.10
N ASP A 131 -7.94 -1.43 -20.85
CA ASP A 131 -8.07 -2.40 -19.77
C ASP A 131 -8.09 -3.83 -20.31
N ASP A 132 -9.22 -4.22 -20.89
CA ASP A 132 -9.41 -5.60 -21.33
C ASP A 132 -10.59 -5.73 -22.27
N ILE A 133 -10.67 -6.88 -22.93
CA ILE A 133 -11.86 -7.25 -23.69
C ILE A 133 -12.66 -8.29 -22.91
N MET A 134 -13.85 -7.91 -22.48
CA MET A 134 -14.75 -8.85 -21.81
C MET A 134 -15.69 -9.48 -22.82
N VAL A 135 -15.70 -10.81 -22.89
CA VAL A 135 -16.59 -11.54 -23.77
C VAL A 135 -17.75 -12.11 -22.97
N SER A 136 -18.96 -11.97 -23.51
CA SER A 136 -20.14 -12.48 -22.83
C SER A 136 -21.01 -13.28 -23.80
N TYR A 137 -21.56 -14.39 -23.33
CA TYR A 137 -22.55 -15.13 -24.09
C TYR A 137 -23.89 -15.11 -23.37
N ALA A 138 -24.97 -15.07 -24.15
CA ALA A 138 -26.31 -15.09 -23.60
C ALA A 138 -27.31 -15.72 -24.57
N PRO A 139 -28.18 -16.61 -24.07
CA PRO A 139 -29.34 -17.00 -24.88
C PRO A 139 -30.37 -15.89 -24.94
N GLU A 140 -31.52 -16.16 -25.56
CA GLU A 140 -32.60 -15.18 -25.66
C GLU A 140 -32.98 -14.63 -24.29
N GLY A 141 -33.15 -13.31 -24.20
CA GLY A 141 -33.60 -12.68 -22.97
C GLY A 141 -32.51 -12.42 -21.95
N GLY A 142 -31.34 -13.03 -22.14
CA GLY A 142 -30.23 -12.88 -21.21
C GLY A 142 -29.68 -11.47 -21.14
N THR A 143 -29.44 -10.99 -19.92
CA THR A 143 -28.88 -9.66 -19.69
C THR A 143 -28.20 -9.58 -18.33
N VAL A 144 -27.47 -8.49 -18.10
CA VAL A 144 -26.91 -8.21 -16.78
C VAL A 144 -27.70 -7.10 -16.09
N GLY A 145 -28.79 -6.66 -16.73
CA GLY A 145 -29.64 -5.63 -16.19
C GLY A 145 -29.16 -4.23 -16.54
N ALA A 146 -30.01 -3.24 -16.29
CA ALA A 146 -29.65 -1.85 -16.54
C ALA A 146 -28.64 -1.38 -15.50
N HIS A 147 -27.54 -0.82 -15.95
CA HIS A 147 -26.45 -0.45 -15.06
C HIS A 147 -25.62 0.69 -15.66
N ILE A 148 -24.77 1.28 -14.83
CA ILE A 148 -23.79 2.25 -15.30
C ILE A 148 -22.37 1.73 -15.05
N ASP A 149 -21.42 2.25 -15.80
CA ASP A 149 -20.02 1.90 -15.62
CA ASP A 149 -20.01 1.89 -15.67
C ASP A 149 -19.18 3.16 -15.51
N ASN A 150 -18.09 3.06 -14.76
CA ASN A 150 -17.22 4.20 -14.50
C ASN A 150 -16.20 4.44 -15.61
N TYR A 151 -16.35 3.74 -16.74
CA TYR A 151 -15.32 3.76 -17.78
C TYR A 151 -15.90 3.84 -19.19
N ASP A 152 -15.06 4.28 -20.12
CA ASP A 152 -15.40 4.23 -21.54
C ASP A 152 -15.50 2.78 -22.01
N VAL A 153 -16.40 2.51 -22.94
CA VAL A 153 -16.54 1.16 -23.49
C VAL A 153 -17.02 1.17 -24.93
N PHE A 154 -16.43 0.29 -25.73
CA PHE A 154 -16.96 -0.05 -27.05
C PHE A 154 -17.68 -1.39 -26.95
N LEU A 155 -18.99 -1.38 -27.09
CA LEU A 155 -19.77 -2.61 -27.04
C LEU A 155 -19.90 -3.20 -28.44
N VAL A 156 -19.07 -4.21 -28.71
CA VAL A 156 -19.01 -4.82 -30.03
C VAL A 156 -19.89 -6.06 -30.13
N GLN A 157 -20.87 -6.02 -31.02
CA GLN A 157 -21.72 -7.16 -31.27
C GLN A 157 -20.97 -8.16 -32.16
N ALA A 158 -20.75 -9.36 -31.62
CA ALA A 158 -19.94 -10.37 -32.29
C ALA A 158 -20.79 -11.51 -32.84
N TRP A 159 -22.00 -11.65 -32.33
CA TRP A 159 -22.92 -12.66 -32.84
C TRP A 159 -24.36 -12.38 -32.41
N GLY A 160 -25.30 -12.64 -33.31
CA GLY A 160 -26.71 -12.52 -33.00
C GLY A 160 -27.15 -11.07 -32.86
N ARG A 161 -28.38 -10.88 -32.39
CA ARG A 161 -28.95 -9.56 -32.24
C ARG A 161 -29.17 -9.19 -30.76
N ARG A 162 -28.81 -7.97 -30.41
CA ARG A 162 -29.02 -7.46 -29.06
C ARG A 162 -29.69 -6.08 -29.10
N ARG A 163 -30.66 -5.89 -28.22
CA ARG A 163 -31.40 -4.63 -28.15
C ARG A 163 -30.88 -3.76 -27.00
N TRP A 164 -30.14 -2.72 -27.34
CA TRP A 164 -29.58 -1.81 -26.34
C TRP A 164 -30.46 -0.59 -26.12
N GLN A 165 -30.72 -0.31 -24.85
CA GLN A 165 -31.41 0.93 -24.45
C GLN A 165 -30.46 1.76 -23.59
N ILE A 166 -30.37 3.06 -23.88
CA ILE A 166 -29.52 3.94 -23.11
C ILE A 166 -30.21 5.27 -22.78
N ASN A 167 -29.48 6.13 -22.10
CA ASN A 167 -29.96 7.45 -21.75
C ASN A 167 -28.79 8.43 -21.78
N HIS A 168 -28.94 9.48 -22.58
CA HIS A 168 -27.82 10.35 -22.92
C HIS A 168 -27.29 11.19 -21.75
N ARG A 169 -28.09 11.35 -20.70
CA ARG A 169 -27.64 12.10 -19.53
C ARG A 169 -26.88 11.20 -18.55
N PRO A 170 -25.61 11.53 -18.25
CA PRO A 170 -24.88 10.72 -17.27
C PRO A 170 -25.50 10.75 -15.87
N VAL A 171 -25.11 9.80 -15.03
CA VAL A 171 -25.62 9.71 -13.65
C VAL A 171 -24.63 10.30 -12.67
N GLU A 172 -25.04 11.35 -11.96
CA GLU A 172 -24.22 11.95 -10.93
C GLU A 172 -24.14 11.03 -9.72
N ARG A 173 -25.32 10.58 -9.25
CA ARG A 173 -25.41 9.69 -8.11
C ARG A 173 -26.30 8.50 -8.46
N GLU A 174 -25.71 7.31 -8.48
CA GLU A 174 -26.44 6.12 -8.88
C GLU A 174 -27.27 5.56 -7.73
N GLU A 175 -28.58 5.47 -7.95
CA GLU A 175 -29.49 4.85 -6.99
C GLU A 175 -29.71 3.39 -7.38
N LEU A 176 -29.27 2.49 -6.51
CA LEU A 176 -29.28 1.05 -6.81
C LEU A 176 -30.40 0.30 -6.11
N VAL A 177 -30.78 -0.83 -6.70
CA VAL A 177 -31.74 -1.73 -6.09
C VAL A 177 -31.06 -2.48 -4.93
N PRO A 178 -31.63 -2.39 -3.71
CA PRO A 178 -30.95 -2.96 -2.53
C PRO A 178 -30.75 -4.48 -2.55
N GLY A 179 -29.55 -4.90 -2.15
CA GLY A 179 -29.24 -6.30 -1.91
C GLY A 179 -29.54 -7.25 -3.06
N LEU A 180 -28.65 -7.28 -4.05
CA LEU A 180 -28.80 -8.19 -5.18
C LEU A 180 -27.49 -8.84 -5.60
N GLU A 181 -26.37 -8.27 -5.18
CA GLU A 181 -25.04 -8.71 -5.62
C GLU A 181 -24.81 -8.41 -7.10
N VAL A 182 -25.74 -7.68 -7.71
CA VAL A 182 -25.55 -7.12 -9.03
C VAL A 182 -26.00 -5.67 -8.95
N ARG A 183 -25.22 -4.76 -9.54
CA ARG A 183 -25.53 -3.35 -9.44
C ARG A 183 -26.61 -2.96 -10.45
N LEU A 184 -27.86 -2.97 -9.97
CA LEU A 184 -29.02 -2.72 -10.82
C LEU A 184 -29.63 -1.35 -10.51
N LEU A 185 -29.91 -0.58 -11.55
CA LEU A 185 -30.54 0.73 -11.39
C LEU A 185 -31.99 0.57 -11.01
N ALA A 186 -32.41 1.27 -9.96
CA ALA A 186 -33.80 1.23 -9.52
C ALA A 186 -34.70 1.96 -10.51
N HIS A 187 -34.30 3.17 -10.88
CA HIS A 187 -35.04 3.96 -11.86
C HIS A 187 -34.23 4.10 -13.14
N PHE A 188 -34.79 3.60 -14.23
CA PHE A 188 -34.15 3.71 -15.54
C PHE A 188 -35.15 4.08 -16.62
N GLU A 189 -34.96 5.26 -17.20
CA GLU A 189 -35.84 5.76 -18.24
C GLU A 189 -35.03 6.04 -19.51
N PRO A 190 -35.05 5.11 -20.48
CA PRO A 190 -34.27 5.32 -21.70
C PRO A 190 -34.91 6.33 -22.65
N ASP A 191 -34.08 7.13 -23.32
CA ASP A 191 -34.58 8.06 -24.34
C ASP A 191 -34.03 7.69 -25.73
N ALA A 192 -33.49 6.48 -25.84
CA ALA A 192 -32.95 5.98 -27.10
C ALA A 192 -32.84 4.47 -27.08
N GLU A 193 -32.99 3.86 -28.25
CA GLU A 193 -32.96 2.40 -28.39
C GLU A 193 -32.48 1.98 -29.77
N TRP A 194 -31.69 0.91 -29.81
CA TRP A 194 -31.25 0.31 -31.07
C TRP A 194 -31.18 -1.21 -30.94
N ILE A 195 -31.21 -1.88 -32.09
CA ILE A 195 -30.98 -3.31 -32.15
C ILE A 195 -29.73 -3.56 -32.98
N LEU A 196 -28.68 -4.07 -32.33
CA LEU A 196 -27.38 -4.23 -32.96
C LEU A 196 -27.19 -5.62 -33.57
N GLU A 197 -26.63 -5.64 -34.79
CA GLU A 197 -26.26 -6.88 -35.46
C GLU A 197 -24.74 -7.00 -35.47
N PRO A 198 -24.23 -8.22 -35.71
CA PRO A 198 -22.77 -8.41 -35.75
C PRO A 198 -22.04 -7.38 -36.59
N GLY A 199 -20.97 -6.80 -36.04
CA GLY A 199 -20.20 -5.78 -36.72
C GLY A 199 -20.54 -4.38 -36.22
N ASP A 200 -21.74 -4.22 -35.69
CA ASP A 200 -22.14 -2.93 -35.13
C ASP A 200 -21.41 -2.69 -33.82
N VAL A 201 -21.17 -1.42 -33.53
CA VAL A 201 -20.44 -1.03 -32.33
C VAL A 201 -21.11 0.16 -31.67
N LEU A 202 -21.31 0.07 -30.36
CA LEU A 202 -21.88 1.16 -29.57
C LEU A 202 -20.85 1.68 -28.59
N TYR A 203 -20.51 2.96 -28.70
CA TYR A 203 -19.59 3.58 -27.76
C TYR A 203 -20.36 4.35 -26.70
N LEU A 204 -20.04 4.07 -25.43
CA LEU A 204 -20.60 4.80 -24.30
C LEU A 204 -19.48 5.47 -23.50
N PRO A 205 -19.63 6.78 -23.21
CA PRO A 205 -18.71 7.38 -22.24
C PRO A 205 -19.07 6.98 -20.82
N PRO A 206 -18.21 7.29 -19.83
CA PRO A 206 -18.43 6.91 -18.44
C PRO A 206 -19.80 7.32 -17.87
N ARG A 207 -20.37 6.44 -17.04
CA ARG A 207 -21.59 6.72 -16.29
C ARG A 207 -22.81 6.99 -17.16
N ILE A 208 -22.90 6.31 -18.30
CA ILE A 208 -24.10 6.34 -19.12
C ILE A 208 -24.95 5.10 -18.81
N PRO A 209 -26.22 5.29 -18.39
CA PRO A 209 -27.01 4.09 -18.11
C PRO A 209 -27.37 3.33 -19.38
N HIS A 210 -27.02 2.06 -19.44
CA HIS A 210 -27.34 1.24 -20.60
C HIS A 210 -27.94 -0.11 -20.18
N TYR A 211 -28.82 -0.63 -21.03
CA TYR A 211 -29.54 -1.87 -20.75
C TYR A 211 -29.57 -2.74 -22.00
N GLY A 212 -28.80 -3.83 -21.97
CA GLY A 212 -28.66 -4.70 -23.13
C GLY A 212 -29.33 -6.06 -22.94
N VAL A 213 -30.27 -6.37 -23.84
CA VAL A 213 -30.99 -7.64 -23.79
C VAL A 213 -30.84 -8.39 -25.11
N ALA A 214 -30.48 -9.67 -25.02
CA ALA A 214 -30.28 -10.49 -26.20
C ALA A 214 -31.61 -10.96 -26.78
N LEU A 215 -31.72 -10.93 -28.11
CA LEU A 215 -32.93 -11.37 -28.80
C LEU A 215 -32.76 -12.78 -29.36
N GLU A 216 -31.60 -13.36 -29.13
CA GLU A 216 -31.27 -14.69 -29.62
C GLU A 216 -29.92 -15.07 -29.03
N ASP A 217 -29.35 -16.20 -29.46
CA ASP A 217 -28.01 -16.57 -29.01
C ASP A 217 -27.06 -15.43 -29.33
N CYS A 218 -26.39 -14.93 -28.29
CA CYS A 218 -25.67 -13.66 -28.39
C CYS A 218 -24.23 -13.74 -27.90
N MET A 219 -23.34 -13.03 -28.60
CA MET A 219 -21.98 -12.81 -28.13
C MET A 219 -21.65 -11.34 -28.26
N THR A 220 -21.23 -10.72 -27.15
CA THR A 220 -20.84 -9.32 -27.15
C THR A 220 -19.41 -9.14 -26.65
N PHE A 221 -18.63 -8.35 -27.37
CA PHE A 221 -17.26 -8.03 -26.97
C PHE A 221 -17.20 -6.60 -26.44
N SER A 222 -16.96 -6.46 -25.14
CA SER A 222 -16.81 -5.15 -24.53
C SER A 222 -15.34 -4.75 -24.43
N ILE A 223 -14.91 -3.84 -25.30
CA ILE A 223 -13.60 -3.24 -25.18
C ILE A 223 -13.67 -2.18 -24.09
N GLY A 224 -13.00 -2.44 -22.97
CA GLY A 224 -13.10 -1.59 -21.80
C GLY A 224 -11.82 -0.82 -21.53
N PHE A 225 -11.99 0.42 -21.08
CA PHE A 225 -10.86 1.28 -20.77
C PHE A 225 -10.74 1.48 -19.28
N ARG A 226 -9.60 2.01 -18.85
CA ARG A 226 -9.36 2.25 -17.44
C ARG A 226 -8.87 3.67 -17.21
N ALA A 227 -9.41 4.30 -16.19
CA ALA A 227 -8.93 5.60 -15.72
C ALA A 227 -8.78 5.52 -14.21
N PRO A 228 -7.54 5.67 -13.70
CA PRO A 228 -7.40 5.57 -12.24
C PRO A 228 -7.96 6.78 -11.50
N ASP A 229 -8.63 6.52 -10.38
CA ASP A 229 -9.05 7.58 -9.47
C ASP A 229 -8.01 7.72 -8.37
N GLN A 230 -8.23 8.64 -7.45
CA GLN A 230 -7.27 8.91 -6.39
C GLN A 230 -7.14 7.72 -5.44
N ALA A 231 -8.23 7.00 -5.25
CA ALA A 231 -8.23 5.85 -4.36
C ALA A 231 -7.25 4.80 -4.87
N GLU A 232 -7.30 4.53 -6.17
CA GLU A 232 -6.46 3.51 -6.77
C GLU A 232 -4.99 3.91 -6.72
N LEU A 233 -4.72 5.19 -6.98
CA LEU A 233 -3.35 5.68 -6.97
C LEU A 233 -2.75 5.59 -5.58
N ALA A 234 -3.56 5.84 -4.56
CA ALA A 234 -3.12 5.71 -3.18
C ALA A 234 -2.78 4.26 -2.87
N GLU A 235 -3.50 3.34 -3.50
CA GLU A 235 -3.33 1.91 -3.22
C GLU A 235 -2.07 1.35 -3.88
N ALA A 236 -1.71 1.92 -5.02
CA ALA A 236 -0.54 1.46 -5.77
C ALA A 236 0.75 2.12 -5.29
N MET A 237 0.61 3.06 -4.36
CA MET A 237 1.73 3.85 -3.86
C MET A 237 2.91 3.06 -3.29
N PRO A 238 2.64 1.93 -2.61
CA PRO A 238 3.75 1.18 -2.01
C PRO A 238 4.85 0.76 -2.98
N ARG A 239 4.50 0.58 -4.26
CA ARG A 239 5.49 0.24 -5.28
C ARG A 239 6.60 1.29 -5.34
N MET A 240 6.25 2.53 -4.97
CA MET A 240 7.20 3.64 -4.95
C MET A 240 8.41 3.29 -4.07
N ALA A 241 8.21 2.40 -3.12
CA ALA A 241 9.25 2.04 -2.16
C ALA A 241 10.41 1.29 -2.79
N ALA A 242 10.22 0.79 -4.01
CA ALA A 242 11.24 0.01 -4.69
C ALA A 242 12.46 0.86 -5.07
N TRP A 243 12.23 2.14 -5.35
CA TRP A 243 13.28 3.01 -5.85
C TRP A 243 13.86 3.94 -4.77
N LEU A 244 13.32 3.88 -3.56
CA LEU A 244 13.70 4.83 -2.52
C LEU A 244 14.96 4.45 -1.77
N ASP A 245 15.18 3.16 -1.54
CA ASP A 245 16.30 2.70 -0.73
C ASP A 245 16.26 3.37 0.64
N GLY A 246 15.06 3.50 1.18
CA GLY A 246 14.82 4.19 2.44
C GLY A 246 14.12 5.52 2.22
N GLY A 247 14.86 6.49 1.69
CA GLY A 247 14.32 7.83 1.45
C GLY A 247 14.69 8.77 2.57
N ARG A 248 14.18 10.00 2.49
CA ARG A 248 14.44 11.01 3.52
C ARG A 248 13.59 10.71 4.76
N ARG A 249 14.21 10.84 5.92
CA ARG A 249 13.56 10.52 7.19
C ARG A 249 13.11 11.77 7.93
N TYR A 250 12.01 11.65 8.66
CA TYR A 250 11.49 12.73 9.49
C TYR A 250 12.54 13.14 10.53
N ALA A 251 12.67 14.44 10.76
CA ALA A 251 13.68 14.97 11.65
C ALA A 251 13.18 16.23 12.35
N ASP A 252 13.40 16.30 13.66
CA ASP A 252 12.97 17.44 14.46
C ASP A 252 14.08 17.90 15.41
N PRO A 253 15.20 18.37 14.87
CA PRO A 253 16.31 18.81 15.72
C PRO A 253 15.97 20.06 16.52
N ASP A 254 15.12 20.91 15.96
CA ASP A 254 14.72 22.16 16.61
C ASP A 254 13.34 22.02 17.24
N LEU A 255 13.10 20.86 17.84
CA LEU A 255 11.87 20.58 18.56
C LEU A 255 11.83 21.35 19.87
N THR A 256 10.65 21.80 20.27
CA THR A 256 10.46 22.48 21.55
C THR A 256 9.68 21.55 22.48
N PRO A 257 9.81 21.74 23.81
CA PRO A 257 9.05 20.89 24.73
C PRO A 257 7.56 20.94 24.47
N ALA A 258 6.93 19.78 24.35
CA ALA A 258 5.52 19.71 23.98
C ALA A 258 4.61 20.17 25.13
N ASP A 259 3.83 21.21 24.86
CA ASP A 259 2.84 21.68 25.83
C ASP A 259 1.81 20.60 26.06
N GLU A 260 1.51 19.86 25.00
CA GLU A 260 0.60 18.72 25.06
C GLU A 260 1.17 17.58 24.20
N PRO A 261 1.77 16.57 24.86
CA PRO A 261 2.59 15.57 24.14
C PRO A 261 1.81 14.67 23.17
N GLY A 262 0.49 14.62 23.31
CA GLY A 262 -0.32 13.80 22.43
C GLY A 262 -0.65 14.43 21.09
N GLU A 263 -0.39 15.73 20.97
CA GLU A 263 -0.76 16.44 19.76
C GLU A 263 0.19 16.18 18.61
N ILE A 264 -0.35 15.86 17.44
CA ILE A 264 0.41 15.88 16.21
C ILE A 264 0.32 17.29 15.65
N THR A 265 1.38 18.07 15.85
CA THR A 265 1.37 19.49 15.54
C THR A 265 1.33 19.75 14.03
N PRO A 266 0.83 20.93 13.62
CA PRO A 266 0.86 21.32 12.21
C PRO A 266 2.28 21.34 11.64
N GLU A 267 3.26 21.70 12.47
CA GLU A 267 4.65 21.73 12.04
C GLU A 267 5.09 20.34 11.62
N ALA A 268 4.66 19.33 12.38
CA ALA A 268 4.99 17.95 12.07
C ALA A 268 4.27 17.48 10.80
N LEU A 269 3.00 17.83 10.68
CA LEU A 269 2.21 17.45 9.51
C LEU A 269 2.73 18.15 8.26
N ASP A 270 3.29 19.34 8.44
CA ASP A 270 3.88 20.05 7.32
C ASP A 270 5.09 19.28 6.78
N GLN A 271 5.91 18.77 7.68
CA GLN A 271 7.09 18.00 7.26
C GLN A 271 6.69 16.68 6.64
N ILE A 272 5.62 16.08 7.14
CA ILE A 272 5.09 14.86 6.56
C ILE A 272 4.56 15.13 5.15
N GLN A 273 3.86 16.25 5.00
CA GLN A 273 3.34 16.66 3.71
C GLN A 273 4.49 16.87 2.72
N ALA A 274 5.60 17.40 3.21
CA ALA A 274 6.74 17.70 2.36
C ALA A 274 7.42 16.41 1.88
N LEU A 275 7.52 15.43 2.77
CA LEU A 275 8.16 14.17 2.44
C LEU A 275 7.38 13.40 1.36
N LEU A 276 6.06 13.53 1.37
CA LEU A 276 5.23 12.87 0.39
C LEU A 276 5.22 13.62 -0.94
N ARG A 277 5.23 14.95 -0.88
CA ARG A 277 5.22 15.76 -2.09
C ARG A 277 6.54 15.62 -2.85
N ALA A 278 7.60 15.30 -2.11
CA ALA A 278 8.90 15.06 -2.74
C ALA A 278 8.83 13.84 -3.66
N LEU A 279 7.97 12.89 -3.31
CA LEU A 279 7.79 11.69 -4.12
C LEU A 279 7.01 11.98 -5.39
N ILE A 280 6.04 12.89 -5.28
CA ILE A 280 5.17 13.22 -6.40
C ILE A 280 5.81 14.24 -7.34
N ASP A 281 6.61 15.15 -6.78
CA ASP A 281 7.16 16.26 -7.56
C ASP A 281 8.46 15.90 -8.28
N ASP A 282 9.12 14.84 -7.85
CA ASP A 282 10.23 14.28 -8.61
C ASP A 282 9.64 13.52 -9.79
N ARG A 283 9.74 14.11 -10.98
CA ARG A 283 8.97 13.65 -12.12
C ARG A 283 9.46 12.33 -12.71
N GLU A 284 10.77 12.18 -12.84
CA GLU A 284 11.34 10.96 -13.39
C GLU A 284 10.96 9.76 -12.53
N ARG A 285 11.01 9.95 -11.21
CA ARG A 285 10.74 8.87 -10.28
C ARG A 285 9.26 8.51 -10.26
N LEU A 286 8.41 9.49 -10.51
CA LEU A 286 6.97 9.25 -10.59
C LEU A 286 6.61 8.56 -11.90
N ALA A 287 7.33 8.91 -12.95
CA ALA A 287 7.10 8.32 -14.27
C ALA A 287 7.30 6.80 -14.21
N ARG A 288 8.31 6.37 -13.47
CA ARG A 288 8.59 4.94 -13.33
C ARG A 288 7.52 4.23 -12.51
N TRP A 289 7.18 4.80 -11.36
CA TRP A 289 6.15 4.25 -10.50
C TRP A 289 4.84 4.06 -11.26
N PHE A 290 4.39 5.10 -11.95
CA PHE A 290 3.12 5.04 -12.65
C PHE A 290 3.13 4.06 -13.81
N GLY A 291 4.25 3.99 -14.52
CA GLY A 291 4.38 3.06 -15.62
C GLY A 291 4.23 1.63 -15.14
N CYS A 292 4.78 1.34 -13.96
CA CYS A 292 4.78 -0.01 -13.42
C CYS A 292 3.40 -0.40 -12.87
N ILE A 293 2.73 0.52 -12.20
CA ILE A 293 1.46 0.19 -11.56
C ILE A 293 0.29 0.23 -12.53
N ILE A 294 0.49 0.84 -13.70
CA ILE A 294 -0.58 0.95 -14.68
C ILE A 294 -0.51 -0.15 -15.74
N THR A 295 0.66 -0.79 -15.85
CA THR A 295 0.81 -1.95 -16.71
C THR A 295 0.84 -3.24 -15.92
N GLU A 296 0.71 -3.14 -14.60
CA GLU A 296 0.66 -4.32 -13.75
C GLU A 296 -0.60 -5.13 -14.06
N PRO A 297 -0.50 -6.46 -14.12
CA PRO A 297 -1.69 -7.29 -14.33
C PRO A 297 -2.77 -7.04 -13.28
N ARG A 298 -4.00 -6.81 -13.73
CA ARG A 298 -5.09 -6.37 -12.86
C ARG A 298 -5.64 -7.46 -11.95
N ARG A 299 -5.62 -8.70 -12.44
CA ARG A 299 -6.26 -9.80 -11.73
C ARG A 299 -5.31 -11.01 -11.61
N GLY A 300 -5.83 -12.22 -11.77
CA GLY A 300 -5.08 -13.43 -11.47
C GLY A 300 -4.52 -14.17 -12.69
N LEU A 301 -4.22 -13.45 -13.76
CA LEU A 301 -3.67 -14.05 -14.97
C LEU A 301 -2.21 -13.67 -15.17
N PRO A 302 -1.28 -14.50 -14.66
CA PRO A 302 0.15 -14.25 -14.88
C PRO A 302 0.60 -14.52 -16.31
N PRO A 303 1.31 -13.56 -16.94
CA PRO A 303 1.93 -13.82 -18.23
C PRO A 303 2.83 -15.06 -18.20
N GLU A 304 2.81 -15.86 -19.26
CA GLU A 304 3.46 -17.17 -19.25
C GLU A 304 4.70 -17.25 -20.15
N PRO A 305 5.71 -18.02 -19.74
CA PRO A 305 6.97 -18.15 -20.50
C PRO A 305 6.83 -19.08 -21.70
N PRO A 306 7.90 -19.19 -22.51
CA PRO A 306 7.92 -20.15 -23.63
C PRO A 306 8.33 -21.54 -23.17
N GLY A 307 8.14 -22.54 -24.03
CA GLY A 307 8.50 -23.90 -23.70
C GLY A 307 10.00 -24.10 -23.58
N ARG A 308 10.76 -23.29 -24.33
CA ARG A 308 12.22 -23.41 -24.32
C ARG A 308 12.89 -22.04 -24.39
N PRO A 309 14.18 -21.98 -24.01
CA PRO A 309 14.97 -20.75 -24.06
C PRO A 309 15.61 -20.54 -25.43
N LEU A 310 15.73 -19.28 -25.85
CA LEU A 310 16.34 -18.94 -27.14
C LEU A 310 17.53 -18.00 -26.98
N SER A 311 18.64 -18.37 -27.60
CA SER A 311 19.84 -17.55 -27.59
C SER A 311 19.66 -16.31 -28.46
N ALA A 312 20.56 -15.35 -28.30
CA ALA A 312 20.51 -14.13 -29.12
C ALA A 312 20.73 -14.48 -30.59
N LYS A 313 21.67 -15.38 -30.84
CA LYS A 313 21.94 -15.86 -32.19
C LYS A 313 20.70 -16.48 -32.81
N GLN A 314 20.12 -17.44 -32.11
CA GLN A 314 18.91 -18.11 -32.59
C GLN A 314 17.81 -17.11 -32.88
N LEU A 315 17.54 -16.24 -31.91
CA LEU A 315 16.52 -15.22 -32.06
C LEU A 315 16.75 -14.40 -33.32
N HIS A 316 17.99 -13.96 -33.50
CA HIS A 316 18.37 -13.19 -34.67
C HIS A 316 18.13 -14.01 -35.94
N ARG A 317 18.48 -15.29 -35.87
CA ARG A 317 18.36 -16.19 -37.01
C ARG A 317 16.90 -16.33 -37.47
N ARG A 318 16.02 -16.72 -36.56
CA ARG A 318 14.64 -17.01 -36.92
C ARG A 318 13.94 -15.75 -37.43
N LEU A 319 14.37 -14.60 -36.92
CA LEU A 319 13.81 -13.32 -37.35
C LEU A 319 14.16 -13.04 -38.82
N GLN A 320 15.42 -13.25 -39.17
CA GLN A 320 15.87 -13.06 -40.54
C GLN A 320 15.24 -14.07 -41.48
N GLN A 321 14.81 -15.20 -40.93
CA GLN A 321 14.20 -16.26 -41.74
C GLN A 321 12.68 -16.14 -41.75
N GLY A 322 12.17 -14.95 -41.46
CA GLY A 322 10.77 -14.63 -41.69
C GLY A 322 9.86 -14.65 -40.47
N ALA A 323 10.43 -14.84 -39.29
CA ALA A 323 9.63 -14.87 -38.06
C ALA A 323 9.14 -13.48 -37.68
N THR A 324 8.01 -13.43 -37.00
CA THR A 324 7.41 -12.19 -36.51
C THR A 324 7.30 -12.24 -34.98
N LEU A 325 7.36 -11.07 -34.35
CA LEU A 325 7.13 -10.98 -32.91
C LEU A 325 5.72 -10.45 -32.64
N ARG A 326 5.02 -11.12 -31.73
CA ARG A 326 3.65 -10.76 -31.40
C ARG A 326 3.59 -10.20 -29.99
N ARG A 327 2.83 -9.10 -29.83
CA ARG A 327 2.62 -8.51 -28.52
C ARG A 327 1.48 -9.21 -27.81
N ASN A 328 1.78 -9.90 -26.73
CA ASN A 328 0.78 -10.69 -26.03
C ASN A 328 -0.24 -9.84 -25.27
N ALA A 329 0.22 -8.73 -24.72
CA ALA A 329 -0.63 -7.83 -23.96
C ALA A 329 -0.28 -6.37 -24.23
N ILE A 330 -1.02 -5.77 -25.15
CA ILE A 330 -0.82 -4.37 -25.50
C ILE A 330 -1.16 -3.43 -24.34
N PRO A 331 -2.28 -3.67 -23.64
CA PRO A 331 -2.63 -2.79 -22.52
C PRO A 331 -1.58 -2.79 -21.41
N GLU A 332 -0.65 -3.73 -21.45
CA GLU A 332 0.40 -3.83 -20.45
C GLU A 332 1.76 -3.42 -21.00
N LEU A 333 1.72 -2.69 -22.12
CA LEU A 333 2.92 -2.15 -22.77
C LEU A 333 2.90 -0.63 -22.83
N ALA A 334 3.92 0.00 -22.28
CA ALA A 334 4.04 1.46 -22.33
C ALA A 334 5.48 1.91 -22.20
N TYR A 335 5.73 3.19 -22.44
CA TYR A 335 7.05 3.78 -22.23
C TYR A 335 6.95 5.26 -21.88
N VAL A 336 8.01 5.78 -21.27
CA VAL A 336 8.14 7.20 -21.01
C VAL A 336 9.53 7.66 -21.40
N ARG A 337 9.60 8.86 -21.98
CA ARG A 337 10.88 9.50 -22.27
C ARG A 337 11.28 10.35 -21.09
N HIS A 338 12.56 10.34 -20.75
CA HIS A 338 13.09 11.15 -19.65
C HIS A 338 13.81 12.38 -20.19
N ALA A 339 14.15 13.29 -19.28
CA ALA A 339 14.75 14.57 -19.64
C ALA A 339 16.08 14.42 -20.37
N ASP A 340 16.85 13.40 -20.01
CA ASP A 340 18.19 13.22 -20.56
C ASP A 340 18.19 12.34 -21.82
N GLY A 341 17.03 12.20 -22.45
CA GLY A 341 16.92 11.46 -23.69
C GLY A 341 16.74 9.97 -23.50
N SER A 342 16.99 9.49 -22.28
CA SER A 342 16.77 8.09 -21.96
C SER A 342 15.28 7.78 -21.92
N ALA A 343 14.95 6.50 -21.83
CA ALA A 343 13.56 6.08 -21.77
C ALA A 343 13.41 4.86 -20.88
N THR A 344 12.20 4.64 -20.41
CA THR A 344 11.87 3.46 -19.63
C THR A 344 10.73 2.69 -20.28
N LEU A 345 10.96 1.41 -20.54
CA LEU A 345 9.94 0.54 -21.11
C LEU A 345 9.22 -0.20 -19.99
N PHE A 346 7.90 -0.13 -19.99
CA PHE A 346 7.10 -0.83 -18.98
C PHE A 346 6.40 -2.03 -19.62
N ALA A 347 6.47 -3.17 -18.93
CA ALA A 347 5.86 -4.38 -19.44
C ALA A 347 5.36 -5.27 -18.30
N SER A 348 4.03 -5.41 -18.21
CA SER A 348 3.40 -6.25 -17.19
C SER A 348 3.93 -5.92 -15.81
N GLY A 349 4.12 -4.63 -15.54
CA GLY A 349 4.48 -4.15 -14.22
C GLY A 349 5.97 -4.09 -13.96
N GLU A 350 6.78 -4.38 -14.98
CA GLU A 350 8.23 -4.34 -14.84
C GLU A 350 8.84 -3.23 -15.68
N ALA A 351 9.85 -2.56 -15.12
CA ALA A 351 10.51 -1.45 -15.80
C ALA A 351 11.85 -1.89 -16.39
N TYR A 352 12.06 -1.58 -17.67
CA TYR A 352 13.33 -1.85 -18.35
C TYR A 352 13.94 -0.55 -18.83
N GLU A 353 15.11 -0.21 -18.31
CA GLU A 353 15.77 1.04 -18.64
C GLU A 353 16.42 0.98 -20.02
N LEU A 354 16.32 2.08 -20.77
CA LEU A 354 16.91 2.19 -22.09
C LEU A 354 17.83 3.39 -22.18
N SER A 355 19.07 3.16 -22.60
CA SER A 355 20.00 4.26 -22.81
C SER A 355 19.49 5.15 -23.94
N PRO A 356 19.96 6.41 -24.00
CA PRO A 356 19.48 7.35 -25.02
C PRO A 356 19.68 6.83 -26.45
N GLU A 357 20.76 6.10 -26.67
CA GLU A 357 21.03 5.52 -27.98
C GLU A 357 20.02 4.44 -28.33
N LEU A 358 19.45 3.82 -27.30
CA LEU A 358 18.49 2.71 -27.47
C LEU A 358 17.07 3.16 -27.18
N ALA A 359 16.90 4.44 -26.86
CA ALA A 359 15.62 4.94 -26.35
C ALA A 359 14.48 4.95 -27.37
N ASP A 360 14.80 4.71 -28.64
CA ASP A 360 13.80 4.82 -29.70
C ASP A 360 13.24 3.46 -30.14
N VAL A 361 13.62 2.39 -29.46
CA VAL A 361 12.99 1.09 -29.69
C VAL A 361 11.66 1.00 -28.96
N ALA A 362 11.50 1.85 -27.94
CA ALA A 362 10.32 1.81 -27.09
C ALA A 362 9.04 2.17 -27.85
N PRO A 363 9.07 3.25 -28.65
CA PRO A 363 7.92 3.50 -29.52
C PRO A 363 7.60 2.31 -30.43
N LEU A 364 8.63 1.66 -30.94
CA LEU A 364 8.46 0.56 -31.89
C LEU A 364 7.85 -0.68 -31.22
N LEU A 365 8.42 -1.09 -30.09
CA LEU A 365 7.96 -2.29 -29.40
C LEU A 365 6.53 -2.13 -28.86
N THR A 366 6.18 -0.92 -28.46
CA THR A 366 4.86 -0.67 -27.86
C THR A 366 3.86 -0.16 -28.89
N GLY A 367 4.34 0.20 -30.07
CA GLY A 367 3.51 0.85 -31.07
C GLY A 367 2.63 -0.11 -31.84
N ARG A 368 2.13 0.35 -32.98
CA ARG A 368 1.21 -0.44 -33.79
C ARG A 368 1.87 -1.01 -35.03
N ARG A 369 3.17 -0.74 -35.20
CA ARG A 369 3.92 -1.32 -36.31
C ARG A 369 4.08 -2.82 -36.08
N PRO A 370 4.18 -3.59 -37.17
CA PRO A 370 4.49 -5.01 -36.98
C PRO A 370 5.95 -5.19 -36.59
N LEU A 371 6.26 -6.27 -35.88
CA LEU A 371 7.61 -6.51 -35.39
C LEU A 371 8.28 -7.60 -36.22
N THR A 372 8.99 -7.17 -37.26
CA THR A 372 9.62 -8.07 -38.21
C THR A 372 11.11 -7.77 -38.34
N ALA A 373 11.79 -8.51 -39.19
CA ALA A 373 13.21 -8.26 -39.46
C ALA A 373 13.40 -6.92 -40.15
N GLU A 374 12.45 -6.55 -41.00
CA GLU A 374 12.48 -5.27 -41.69
C GLU A 374 12.37 -4.11 -40.71
N THR A 375 11.33 -4.15 -39.88
CA THR A 375 11.04 -3.08 -38.94
C THR A 375 12.10 -2.95 -37.85
N LEU A 376 12.71 -4.08 -37.49
CA LEU A 376 13.73 -4.12 -36.44
C LEU A 376 15.15 -4.02 -37.00
N ARG A 377 15.26 -3.82 -38.30
CA ARG A 377 16.55 -3.92 -39.01
C ARG A 377 17.69 -3.12 -38.36
N PRO A 378 17.43 -1.86 -37.96
CA PRO A 378 18.52 -1.09 -37.36
C PRO A 378 18.99 -1.65 -36.01
N TRP A 379 18.06 -2.25 -35.28
CA TRP A 379 18.30 -2.61 -33.88
C TRP A 379 18.87 -4.01 -33.68
N LEU A 380 18.64 -4.90 -34.64
CA LEU A 380 19.04 -6.29 -34.50
C LEU A 380 20.56 -6.47 -34.38
N GLU A 381 21.32 -5.57 -34.99
CA GLU A 381 22.79 -5.66 -34.94
C GLU A 381 23.32 -5.43 -33.52
N ARG A 382 22.55 -4.71 -32.71
CA ARG A 382 22.97 -4.37 -31.36
C ARG A 382 22.78 -5.52 -30.38
N ASP A 383 23.82 -5.82 -29.61
CA ASP A 383 23.74 -6.84 -28.57
C ASP A 383 22.81 -6.41 -27.46
N ASP A 384 22.77 -5.11 -27.20
CA ASP A 384 21.95 -4.55 -26.15
C ASP A 384 20.46 -4.77 -26.44
N PHE A 385 20.09 -4.71 -27.71
CA PHE A 385 18.69 -4.85 -28.09
C PHE A 385 18.22 -6.29 -28.06
N LEU A 386 19.06 -7.22 -28.51
CA LEU A 386 18.72 -8.64 -28.50
C LEU A 386 18.57 -9.13 -27.06
N GLU A 387 19.50 -8.71 -26.19
CA GLU A 387 19.44 -9.04 -24.78
C GLU A 387 18.11 -8.62 -24.17
N LEU A 388 17.60 -7.46 -24.60
CA LEU A 388 16.31 -6.99 -24.14
C LEU A 388 15.19 -7.90 -24.62
N LEU A 389 15.21 -8.21 -25.91
CA LEU A 389 14.19 -9.08 -26.50
C LEU A 389 14.18 -10.45 -25.84
N GLN A 390 15.35 -10.93 -25.43
CA GLN A 390 15.46 -12.22 -24.76
C GLN A 390 14.59 -12.24 -23.50
N THR A 391 14.76 -11.25 -22.65
CA THR A 391 14.01 -11.19 -21.39
C THR A 391 12.52 -10.98 -21.65
N LEU A 392 12.19 -10.19 -22.66
CA LEU A 392 10.79 -9.91 -22.98
C LEU A 392 10.08 -11.17 -23.46
N ILE A 393 10.78 -11.97 -24.26
CA ILE A 393 10.24 -13.26 -24.69
C ILE A 393 10.19 -14.22 -23.52
N HIS A 394 11.27 -14.22 -22.72
CA HIS A 394 11.39 -15.08 -21.56
C HIS A 394 10.24 -14.90 -20.58
N SER A 395 9.78 -13.66 -20.45
CA SER A 395 8.73 -13.33 -19.49
C SER A 395 7.34 -13.41 -20.10
N GLY A 396 7.28 -13.66 -21.41
CA GLY A 396 6.01 -13.84 -22.08
C GLY A 396 5.32 -12.55 -22.48
N ILE A 397 6.11 -11.49 -22.64
CA ILE A 397 5.57 -10.22 -23.10
C ILE A 397 5.45 -10.26 -24.63
N LEU A 398 6.47 -10.82 -25.27
CA LEU A 398 6.45 -11.04 -26.71
C LEU A 398 6.53 -12.54 -27.02
N SER A 399 5.70 -12.98 -27.96
CA SER A 399 5.76 -14.35 -28.46
C SER A 399 6.36 -14.37 -29.86
N LEU A 400 7.29 -15.29 -30.09
CA LEU A 400 7.93 -15.43 -31.39
C LEU A 400 7.11 -16.41 -32.24
N ILE A 401 6.72 -15.95 -33.43
CA ILE A 401 5.86 -16.73 -34.32
C ILE A 401 6.50 -16.89 -35.70
N PRO A 402 6.39 -18.10 -36.30
CA PRO A 402 6.86 -18.26 -37.69
C PRO A 402 5.94 -17.59 -38.70
N ALA A 403 6.37 -17.53 -39.96
CA ALA A 403 5.61 -16.86 -41.00
C ALA A 403 4.30 -17.61 -41.30
N GLN B 16 7.34 7.20 42.35
CA GLN B 16 8.71 7.13 42.81
C GLN B 16 9.67 7.25 41.64
N LEU B 17 9.31 8.09 40.66
CA LEU B 17 10.14 8.36 39.50
C LEU B 17 10.18 9.86 39.23
N PRO B 18 11.34 10.38 38.77
CA PRO B 18 11.46 11.83 38.54
C PRO B 18 10.56 12.33 37.41
N GLU B 19 10.39 13.64 37.32
CA GLU B 19 9.51 14.21 36.32
C GLU B 19 10.00 13.94 34.91
N THR B 20 11.33 13.89 34.74
CA THR B 20 11.94 13.58 33.46
C THR B 20 13.19 12.73 33.64
N ILE B 21 13.77 12.32 32.52
CA ILE B 21 14.94 11.45 32.52
C ILE B 21 16.22 12.26 32.36
N LEU B 22 16.09 13.59 32.44
CA LEU B 22 17.20 14.47 32.10
C LEU B 22 17.97 14.98 33.33
N GLY B 23 17.71 14.41 34.49
CA GLY B 23 18.39 14.81 35.71
C GLY B 23 18.12 16.27 36.06
N GLY B 24 19.19 17.08 36.05
CA GLY B 24 19.08 18.49 36.38
C GLY B 24 18.98 19.37 35.15
N LEU B 25 18.87 18.74 33.98
CA LEU B 25 18.77 19.46 32.72
C LEU B 25 17.30 19.66 32.35
N ALA B 26 16.95 20.90 31.99
CA ALA B 26 15.59 21.20 31.57
C ALA B 26 15.35 20.67 30.15
N PRO B 27 14.10 20.26 29.86
CA PRO B 27 13.80 19.73 28.52
C PRO B 27 14.07 20.73 27.41
N GLU B 28 13.63 21.97 27.59
CA GLU B 28 13.84 23.01 26.59
C GLU B 28 15.32 23.16 26.25
N GLU B 29 16.18 23.04 27.25
CA GLU B 29 17.61 23.18 27.02
C GLU B 29 18.18 21.93 26.33
N PHE B 30 17.68 20.77 26.73
CA PHE B 30 18.12 19.51 26.14
C PHE B 30 17.74 19.41 24.68
N LEU B 31 16.48 19.71 24.37
CA LEU B 31 15.99 19.67 23.00
C LEU B 31 16.75 20.64 22.11
N ALA B 32 17.18 21.76 22.69
CA ALA B 32 17.81 22.83 21.94
C ALA B 32 19.26 22.51 21.58
N ASN B 33 19.92 21.67 22.37
CA ASN B 33 21.36 21.47 22.24
C ASN B 33 21.81 20.02 22.01
N TYR B 34 20.91 19.05 22.11
CA TYR B 34 21.30 17.65 22.04
C TYR B 34 20.37 16.77 21.21
N TRP B 35 19.07 17.00 21.32
CA TRP B 35 18.09 16.20 20.59
C TRP B 35 18.37 16.18 19.09
N GLN B 36 18.66 14.99 18.59
CA GLN B 36 18.96 14.78 17.17
C GLN B 36 20.19 15.58 16.72
N LYS B 37 21.12 15.80 17.64
CA LYS B 37 22.35 16.52 17.33
C LYS B 37 23.58 15.76 17.82
N ARG B 38 23.71 15.63 19.14
CA ARG B 38 24.88 14.99 19.72
C ARG B 38 24.52 14.20 20.98
N PRO B 39 25.26 13.11 21.25
CA PRO B 39 25.00 12.27 22.42
C PRO B 39 25.21 13.02 23.73
N LEU B 40 24.62 12.51 24.80
CA LEU B 40 24.73 13.13 26.11
C LEU B 40 24.66 12.09 27.20
N LEU B 41 25.62 12.14 28.12
CA LEU B 41 25.69 11.18 29.22
C LEU B 41 25.12 11.76 30.52
N ILE B 42 23.91 11.31 30.89
CA ILE B 42 23.32 11.69 32.17
C ILE B 42 23.70 10.65 33.22
N ARG B 43 24.36 11.13 34.27
CA ARG B 43 24.74 10.26 35.38
C ARG B 43 23.67 10.29 36.47
N GLN B 44 23.21 9.11 36.87
CA GLN B 44 22.13 8.98 37.83
C GLN B 44 20.90 9.78 37.42
N ALA B 45 20.41 9.51 36.22
CA ALA B 45 19.16 10.10 35.74
C ALA B 45 18.00 9.66 36.63
N LEU B 46 18.03 8.39 37.02
CA LEU B 46 16.97 7.77 37.81
C LEU B 46 17.55 7.19 39.10
N PRO B 47 17.81 8.05 40.09
CA PRO B 47 18.42 7.61 41.36
C PRO B 47 17.67 6.47 42.02
N GLY B 48 18.38 5.36 42.23
CA GLY B 48 17.80 4.20 42.89
C GLY B 48 17.01 3.30 41.95
N PHE B 49 16.95 3.65 40.68
CA PHE B 49 16.19 2.86 39.72
C PHE B 49 16.82 1.50 39.49
N ARG B 50 16.06 0.46 39.85
CA ARG B 50 16.40 -0.92 39.52
C ARG B 50 15.31 -1.48 38.64
N SER B 51 15.64 -2.54 37.91
CA SER B 51 14.67 -3.12 36.97
C SER B 51 13.48 -3.71 37.71
N PRO B 52 12.25 -3.32 37.32
CA PRO B 52 11.07 -3.93 37.95
C PRO B 52 10.89 -5.39 37.51
N ILE B 53 11.54 -5.77 36.42
CA ILE B 53 11.46 -7.12 35.89
C ILE B 53 12.80 -7.83 36.10
N THR B 54 12.77 -9.16 36.24
CA THR B 54 13.98 -9.94 36.43
C THR B 54 14.32 -10.73 35.17
N PRO B 55 15.58 -11.19 35.05
CA PRO B 55 16.00 -12.00 33.91
C PRO B 55 15.13 -13.24 33.67
N GLU B 56 14.66 -13.85 34.75
CA GLU B 56 13.80 -15.02 34.65
C GLU B 56 12.45 -14.64 34.04
N GLU B 57 11.95 -13.47 34.41
CA GLU B 57 10.69 -12.99 33.90
C GLU B 57 10.81 -12.57 32.44
N LEU B 58 11.93 -11.95 32.09
CA LEU B 58 12.18 -11.53 30.72
C LEU B 58 12.20 -12.73 29.79
N ALA B 59 12.93 -13.76 30.18
CA ALA B 59 12.91 -15.03 29.46
C ALA B 59 11.50 -15.60 29.47
N GLY B 60 10.72 -15.25 30.50
CA GLY B 60 9.33 -15.66 30.58
C GLY B 60 8.48 -15.01 29.51
N LEU B 61 8.76 -13.74 29.23
CA LEU B 61 8.05 -13.01 28.19
C LEU B 61 8.46 -13.48 26.81
N ALA B 62 9.72 -13.90 26.69
CA ALA B 62 10.25 -14.34 25.40
C ALA B 62 9.54 -15.58 24.87
N CYS B 63 8.83 -16.28 25.75
CA CYS B 63 8.11 -17.49 25.38
C CYS B 63 6.66 -17.21 25.00
N GLU B 64 6.10 -16.15 25.60
CA GLU B 64 4.71 -15.80 25.33
C GLU B 64 4.50 -15.45 23.87
N GLU B 65 3.43 -15.98 23.29
CA GLU B 65 3.17 -15.86 21.86
C GLU B 65 2.91 -14.42 21.43
N GLY B 66 3.28 -14.10 20.20
CA GLY B 66 3.07 -12.77 19.65
C GLY B 66 4.16 -11.78 20.04
N VAL B 67 5.24 -12.31 20.60
CA VAL B 67 6.34 -11.49 21.09
C VAL B 67 7.56 -11.60 20.17
N THR B 68 8.22 -10.46 19.95
CA THR B 68 9.42 -10.41 19.13
C THR B 68 10.66 -10.48 20.02
N ALA B 69 11.41 -11.57 19.90
CA ALA B 69 12.61 -11.77 20.72
C ALA B 69 13.75 -12.37 19.91
N ARG B 70 14.97 -11.93 20.22
CA ARG B 70 16.18 -12.41 19.56
C ARG B 70 17.21 -12.88 20.56
N LEU B 71 17.87 -13.99 20.25
CA LEU B 71 19.00 -14.48 21.04
C LEU B 71 20.26 -14.40 20.22
N ILE B 72 21.25 -13.65 20.73
CA ILE B 72 22.49 -13.42 20.02
C ILE B 72 23.68 -13.96 20.82
N LEU B 73 24.46 -14.83 20.18
CA LEU B 73 25.66 -15.39 20.81
C LEU B 73 26.91 -15.03 20.01
N GLU B 74 27.76 -14.19 20.59
CA GLU B 74 29.04 -13.84 19.99
C GLU B 74 29.88 -15.09 19.79
N LYS B 75 29.66 -16.07 20.67
CA LYS B 75 30.36 -17.34 20.62
C LYS B 75 29.60 -18.37 21.45
N GLY B 76 29.80 -19.65 21.15
CA GLY B 76 29.13 -20.72 21.87
C GLY B 76 28.02 -21.36 21.05
N GLY B 77 27.61 -20.68 19.99
CA GLY B 77 26.62 -21.22 19.08
C GLY B 77 27.26 -22.10 18.02
N ALA B 78 26.48 -22.52 17.03
CA ALA B 78 26.98 -23.36 15.96
C ALA B 78 28.01 -22.59 15.12
N TYR B 79 27.75 -21.31 14.91
CA TYR B 79 28.67 -20.42 14.20
C TYR B 79 28.76 -19.09 14.95
N PRO B 80 29.82 -18.31 14.68
CA PRO B 80 29.96 -17.04 15.41
C PRO B 80 28.82 -16.08 15.10
N TRP B 81 28.37 -15.34 16.12
CA TRP B 81 27.24 -14.43 15.98
C TRP B 81 26.00 -15.13 15.43
N GLU B 82 25.51 -16.13 16.16
CA GLU B 82 24.29 -16.81 15.77
C GLU B 82 23.08 -16.05 16.31
N VAL B 83 22.02 -15.99 15.53
CA VAL B 83 20.80 -15.29 15.93
C VAL B 83 19.60 -16.23 15.88
N ARG B 84 19.11 -16.60 17.06
CA ARG B 84 17.92 -17.45 17.18
C ARG B 84 16.71 -16.59 17.52
N TYR B 85 15.64 -16.77 16.75
CA TYR B 85 14.44 -15.95 16.89
C TYR B 85 13.33 -16.64 17.68
N GLY B 86 12.51 -15.85 18.36
CA GLY B 86 11.35 -16.36 19.05
C GLY B 86 10.25 -16.74 18.07
N PRO B 87 9.14 -17.30 18.56
CA PRO B 87 8.88 -17.57 19.98
C PRO B 87 9.77 -18.68 20.52
N PHE B 88 9.84 -18.82 21.84
CA PHE B 88 10.75 -19.77 22.48
C PHE B 88 10.04 -20.81 23.32
N GLU B 89 10.82 -21.81 23.74
CA GLU B 89 10.36 -22.81 24.70
C GLU B 89 11.27 -22.73 25.93
N PRO B 90 10.73 -23.02 27.12
CA PRO B 90 11.51 -22.92 28.36
C PRO B 90 12.84 -23.68 28.34
N GLU B 91 12.91 -24.73 27.53
CA GLU B 91 14.11 -25.59 27.48
C GLU B 91 15.27 -24.92 26.77
N ASP B 92 14.97 -23.93 25.95
CA ASP B 92 15.97 -23.29 25.09
C ASP B 92 17.01 -22.51 25.88
N PHE B 93 16.67 -22.08 27.08
CA PHE B 93 17.50 -21.12 27.81
C PHE B 93 18.52 -21.76 28.75
N VAL B 94 18.20 -22.92 29.31
CA VAL B 94 19.07 -23.53 30.32
C VAL B 94 20.37 -24.02 29.69
N ALA B 95 20.30 -24.43 28.43
CA ALA B 95 21.46 -24.94 27.71
C ALA B 95 22.20 -23.81 26.98
N LEU B 96 22.45 -22.71 27.70
CA LEU B 96 23.20 -21.59 27.15
C LEU B 96 24.55 -21.49 27.86
N PRO B 97 25.62 -21.11 27.11
CA PRO B 97 26.94 -20.92 27.74
C PRO B 97 26.89 -19.94 28.90
N PRO B 98 27.91 -19.97 29.77
CA PRO B 98 27.89 -19.09 30.94
C PRO B 98 27.93 -17.61 30.56
N THR B 99 28.47 -17.31 29.38
CA THR B 99 28.73 -15.93 29.00
C THR B 99 28.68 -15.71 27.49
N HIS B 100 28.84 -14.45 27.11
CA HIS B 100 28.94 -14.04 25.70
C HIS B 100 27.70 -14.41 24.88
N TRP B 101 26.54 -14.21 25.48
CA TRP B 101 25.28 -14.20 24.74
C TRP B 101 24.39 -13.11 25.31
N THR B 102 23.31 -12.78 24.62
CA THR B 102 22.39 -11.77 25.09
C THR B 102 20.99 -12.01 24.55
N LEU B 103 19.99 -11.65 25.34
CA LEU B 103 18.59 -11.78 24.97
C LEU B 103 17.96 -10.41 24.82
N LEU B 104 17.25 -10.20 23.71
CA LEU B 104 16.58 -8.93 23.46
C LEU B 104 15.09 -9.18 23.21
N VAL B 105 14.25 -8.49 23.98
CA VAL B 105 12.81 -8.61 23.85
C VAL B 105 12.21 -7.23 23.55
N GLN B 106 11.31 -7.18 22.59
CA GLN B 106 10.75 -5.92 22.10
C GLN B 106 9.37 -5.64 22.67
N GLU B 107 9.05 -4.35 22.80
CA GLU B 107 7.72 -3.91 23.24
C GLU B 107 7.35 -4.49 24.60
N VAL B 108 8.31 -4.50 25.51
CA VAL B 108 8.07 -4.98 26.87
C VAL B 108 7.13 -4.04 27.60
N ASP B 109 7.12 -2.77 27.18
CA ASP B 109 6.22 -1.79 27.76
C ASP B 109 4.76 -2.13 27.48
N ARG B 110 4.52 -2.86 26.40
CA ARG B 110 3.17 -3.31 26.06
C ARG B 110 2.73 -4.44 26.99
N LEU B 111 3.69 -5.25 27.41
CA LEU B 111 3.40 -6.46 28.17
C LEU B 111 3.44 -6.24 29.69
N VAL B 112 4.38 -5.42 30.14
CA VAL B 112 4.56 -5.15 31.56
C VAL B 112 4.26 -3.69 31.89
N PRO B 113 3.12 -3.41 32.53
CA PRO B 113 2.78 -2.03 32.92
C PRO B 113 3.86 -1.34 33.76
N GLU B 114 4.60 -2.09 34.57
CA GLU B 114 5.63 -1.52 35.41
C GLU B 114 6.76 -0.90 34.58
N VAL B 115 7.01 -1.47 33.41
CA VAL B 115 8.03 -0.95 32.51
C VAL B 115 7.51 0.30 31.80
N ALA B 116 6.24 0.26 31.41
CA ALA B 116 5.61 1.39 30.75
C ALA B 116 5.62 2.64 31.63
N ALA B 117 5.73 2.43 32.94
CA ALA B 117 5.80 3.54 33.89
C ALA B 117 7.00 4.43 33.60
N LEU B 118 8.08 3.80 33.15
CA LEU B 118 9.31 4.51 32.81
C LEU B 118 9.09 5.54 31.70
N LEU B 119 8.05 5.32 30.92
CA LEU B 119 7.77 6.14 29.75
C LEU B 119 7.19 7.50 30.12
N GLU B 120 7.03 7.76 31.41
CA GLU B 120 6.53 9.03 31.90
C GLU B 120 7.66 10.03 32.13
N THR B 121 8.88 9.62 31.82
CA THR B 121 10.06 10.46 32.00
C THR B 121 10.51 11.09 30.69
N VAL B 122 9.83 10.75 29.60
CA VAL B 122 10.19 11.21 28.27
C VAL B 122 8.98 11.79 27.55
N ARG B 123 8.18 12.56 28.30
CA ARG B 123 6.96 13.14 27.78
C ARG B 123 7.18 14.56 27.24
N PHE B 124 8.44 14.96 27.13
CA PHE B 124 8.77 16.22 26.45
C PHE B 124 8.85 15.96 24.96
N VAL B 125 8.96 14.69 24.59
CA VAL B 125 8.82 14.27 23.20
C VAL B 125 7.34 13.94 22.95
N PRO B 126 6.83 14.26 21.75
CA PRO B 126 5.43 13.89 21.49
C PRO B 126 5.23 12.37 21.47
N ASN B 127 3.99 11.95 21.69
CA ASN B 127 3.67 10.52 21.80
C ASN B 127 4.02 9.71 20.57
N TRP B 128 3.74 10.25 19.39
CA TRP B 128 3.88 9.46 18.17
C TRP B 128 5.35 9.19 17.84
N ARG B 129 6.24 10.02 18.37
CA ARG B 129 7.67 9.82 18.18
C ARG B 129 8.20 8.69 19.06
N LEU B 130 7.38 8.27 20.04
CA LEU B 130 7.72 7.12 20.88
C LEU B 130 7.41 5.82 20.15
N ASP B 131 8.30 4.85 20.27
CA ASP B 131 8.07 3.52 19.70
C ASP B 131 7.82 2.48 20.79
N ASP B 132 8.87 2.09 21.49
CA ASP B 132 8.78 1.02 22.47
C ASP B 132 9.95 1.01 23.45
N ILE B 133 9.82 0.22 24.50
CA ILE B 133 10.92 -0.07 25.41
C ILE B 133 11.31 -1.53 25.27
N MET B 134 12.48 -1.78 24.70
CA MET B 134 12.99 -3.15 24.62
C MET B 134 13.93 -3.39 25.80
N VAL B 135 13.80 -4.55 26.41
CA VAL B 135 14.64 -4.93 27.53
C VAL B 135 15.65 -5.96 27.09
N SER B 136 16.90 -5.76 27.49
CA SER B 136 17.97 -6.70 27.19
C SER B 136 18.51 -7.32 28.46
N TYR B 137 18.78 -8.62 28.43
CA TYR B 137 19.56 -9.27 29.48
C TYR B 137 20.84 -9.82 28.88
N ALA B 138 21.93 -9.74 29.63
CA ALA B 138 23.22 -10.22 29.16
C ALA B 138 24.10 -10.65 30.33
N PRO B 139 24.55 -11.91 30.32
CA PRO B 139 25.61 -12.26 31.28
C PRO B 139 26.92 -11.55 30.92
N GLU B 140 27.94 -11.71 31.75
CA GLU B 140 29.22 -11.05 31.51
C GLU B 140 29.73 -11.31 30.10
N GLY B 141 30.19 -10.25 29.43
CA GLY B 141 30.75 -10.38 28.09
C GLY B 141 29.70 -10.39 26.99
N GLY B 142 28.43 -10.35 27.39
CA GLY B 142 27.34 -10.35 26.42
C GLY B 142 27.23 -9.03 25.70
N THR B 143 27.04 -9.09 24.38
CA THR B 143 26.93 -7.89 23.57
C THR B 143 26.19 -8.16 22.25
N VAL B 144 25.84 -7.08 21.56
CA VAL B 144 25.26 -7.17 20.22
C VAL B 144 26.31 -6.75 19.19
N GLY B 145 27.38 -6.12 19.67
CA GLY B 145 28.46 -5.68 18.83
C GLY B 145 28.31 -4.23 18.44
N ALA B 146 29.37 -3.65 17.88
CA ALA B 146 29.32 -2.27 17.41
C ALA B 146 28.32 -2.13 16.27
N HIS B 147 27.38 -1.19 16.42
CA HIS B 147 26.32 -1.01 15.44
C HIS B 147 25.77 0.41 15.49
N ILE B 148 24.92 0.73 14.53
CA ILE B 148 24.20 2.00 14.52
C ILE B 148 22.69 1.77 14.47
N ASP B 149 21.94 2.82 14.77
CA ASP B 149 20.48 2.80 14.65
C ASP B 149 20.02 4.08 13.95
N ASN B 150 18.87 4.00 13.30
CA ASN B 150 18.32 5.13 12.57
C ASN B 150 17.40 6.01 13.41
N TYR B 151 17.38 5.73 14.71
CA TYR B 151 16.47 6.41 15.62
C TYR B 151 17.18 6.88 16.89
N ASP B 152 16.60 7.88 17.54
CA ASP B 152 17.05 8.32 18.85
C ASP B 152 16.84 7.20 19.85
N VAL B 153 17.64 7.20 20.91
CA VAL B 153 17.49 6.19 21.95
C VAL B 153 17.99 6.70 23.29
N PHE B 154 17.26 6.33 24.34
CA PHE B 154 17.75 6.49 25.70
C PHE B 154 18.15 5.12 26.22
N LEU B 155 19.46 4.91 26.39
CA LEU B 155 19.97 3.68 26.96
C LEU B 155 19.98 3.78 28.48
N VAL B 156 19.17 2.93 29.13
CA VAL B 156 19.00 2.98 30.57
C VAL B 156 19.55 1.72 31.24
N GLN B 157 20.55 1.87 32.10
CA GLN B 157 21.04 0.74 32.88
C GLN B 157 20.09 0.47 34.04
N ALA B 158 19.61 -0.78 34.11
CA ALA B 158 18.62 -1.17 35.10
C ALA B 158 19.15 -2.26 36.04
N TRP B 159 20.31 -2.80 35.71
CA TRP B 159 20.94 -3.84 36.52
C TRP B 159 22.34 -4.08 36.00
N GLY B 160 23.27 -4.39 36.88
CA GLY B 160 24.64 -4.70 36.49
C GLY B 160 25.32 -3.46 35.96
N ARG B 161 26.41 -3.65 35.23
CA ARG B 161 27.16 -2.53 34.67
C ARG B 161 27.55 -2.83 33.23
N ARG B 162 27.53 -1.80 32.39
CA ARG B 162 27.83 -1.92 30.97
C ARG B 162 28.88 -0.89 30.55
N ARG B 163 29.87 -1.35 29.79
CA ARG B 163 30.88 -0.46 29.23
C ARG B 163 30.47 -0.03 27.82
N TRP B 164 30.08 1.23 27.68
CA TRP B 164 29.69 1.77 26.38
C TRP B 164 30.84 2.52 25.72
N GLN B 165 31.10 2.17 24.46
CA GLN B 165 32.05 2.92 23.63
C GLN B 165 31.28 3.51 22.46
N ILE B 166 31.48 4.80 22.20
CA ILE B 166 30.75 5.49 21.14
C ILE B 166 31.67 6.43 20.35
N ASN B 167 31.18 6.88 19.21
CA ASN B 167 31.86 7.89 18.41
C ASN B 167 30.93 9.07 18.18
N HIS B 168 31.33 10.24 18.66
CA HIS B 168 30.49 11.42 18.55
C HIS B 168 30.21 11.83 17.11
N ARG B 169 30.98 11.27 16.18
CA ARG B 169 30.79 11.52 14.76
C ARG B 169 29.75 10.58 14.16
N PRO B 170 28.61 11.11 13.66
CA PRO B 170 27.62 10.23 13.03
C PRO B 170 28.15 9.66 11.70
N VAL B 171 27.70 8.47 11.33
CA VAL B 171 28.13 7.84 10.09
C VAL B 171 27.09 8.06 9.00
N GLU B 172 27.56 8.53 7.83
CA GLU B 172 26.69 8.75 6.68
C GLU B 172 26.54 7.45 5.89
N ARG B 173 27.68 6.81 5.62
CA ARG B 173 27.70 5.52 4.91
C ARG B 173 28.00 4.40 5.90
N GLU B 174 27.17 3.36 5.87
CA GLU B 174 27.29 2.26 6.82
C GLU B 174 28.18 1.15 6.29
N GLU B 175 29.46 1.17 6.66
CA GLU B 175 30.39 0.12 6.26
C GLU B 175 30.22 -1.11 7.14
N LEU B 176 29.68 -2.17 6.55
CA LEU B 176 29.23 -3.33 7.31
C LEU B 176 30.16 -4.54 7.14
N VAL B 177 30.07 -5.48 8.08
CA VAL B 177 30.80 -6.75 7.98
C VAL B 177 29.98 -7.75 7.14
N PRO B 178 30.62 -8.42 6.17
CA PRO B 178 29.87 -9.29 5.26
C PRO B 178 29.43 -10.64 5.85
N GLY B 179 28.22 -11.07 5.50
CA GLY B 179 27.77 -12.43 5.73
C GLY B 179 27.43 -12.85 7.15
N LEU B 180 27.26 -11.88 8.05
CA LEU B 180 27.12 -12.18 9.47
C LEU B 180 25.69 -12.07 10.02
N GLU B 181 24.73 -11.77 9.15
CA GLU B 181 23.31 -11.66 9.52
C GLU B 181 23.01 -10.83 10.77
N VAL B 182 23.95 -10.00 11.18
CA VAL B 182 23.70 -8.97 12.20
C VAL B 182 24.40 -7.70 11.75
N ARG B 183 23.70 -6.57 11.80
CA ARG B 183 24.29 -5.29 11.41
C ARG B 183 25.52 -5.00 12.26
N LEU B 184 26.69 -5.25 11.69
CA LEU B 184 27.96 -5.14 12.41
C LEU B 184 28.92 -4.20 11.68
N LEU B 185 29.47 -3.25 12.40
CA LEU B 185 30.40 -2.29 11.82
C LEU B 185 31.80 -2.91 11.67
N ALA B 186 32.29 -2.94 10.44
CA ALA B 186 33.61 -3.50 10.15
C ALA B 186 34.69 -2.71 10.87
N HIS B 187 34.79 -1.42 10.55
CA HIS B 187 35.77 -0.54 11.17
C HIS B 187 35.11 0.36 12.20
N PHE B 188 35.53 0.23 13.45
CA PHE B 188 35.00 1.04 14.55
C PHE B 188 36.12 1.64 15.38
N GLU B 189 36.09 2.97 15.52
CA GLU B 189 37.07 3.72 16.30
C GLU B 189 36.41 4.59 17.36
N PRO B 190 36.36 4.10 18.61
CA PRO B 190 35.74 4.90 19.68
C PRO B 190 36.58 6.11 20.09
N ASP B 191 35.89 7.22 20.39
CA ASP B 191 36.56 8.41 20.90
C ASP B 191 36.16 8.67 22.35
N ALA B 192 35.24 7.86 22.86
CA ALA B 192 34.76 8.00 24.23
C ALA B 192 34.29 6.66 24.79
N GLU B 193 34.78 6.33 25.98
CA GLU B 193 34.39 5.10 26.67
C GLU B 193 33.76 5.44 28.01
N TRP B 194 32.71 4.72 28.37
CA TRP B 194 31.99 4.99 29.62
C TRP B 194 31.54 3.72 30.32
N ILE B 195 31.57 3.75 31.65
CA ILE B 195 31.04 2.67 32.48
C ILE B 195 29.74 3.13 33.13
N LEU B 196 28.66 2.39 32.89
CA LEU B 196 27.34 2.78 33.37
C LEU B 196 26.83 1.87 34.48
N GLU B 197 26.41 2.48 35.58
CA GLU B 197 25.76 1.76 36.68
C GLU B 197 24.25 1.98 36.59
N PRO B 198 23.47 1.23 37.39
CA PRO B 198 22.02 1.42 37.37
C PRO B 198 21.62 2.85 37.68
N GLY B 199 20.71 3.40 36.87
CA GLY B 199 20.27 4.78 37.03
C GLY B 199 20.94 5.72 36.05
N ASP B 200 22.09 5.29 35.51
CA ASP B 200 22.78 6.08 34.49
C ASP B 200 22.04 5.98 33.16
N VAL B 201 22.07 7.06 32.39
CA VAL B 201 21.34 7.12 31.14
C VAL B 201 22.18 7.76 30.04
N LEU B 202 22.28 7.05 28.92
CA LEU B 202 23.04 7.51 27.77
C LEU B 202 22.10 7.81 26.62
N TYR B 203 22.04 9.07 26.22
CA TYR B 203 21.23 9.45 25.05
C TYR B 203 22.09 9.42 23.79
N LEU B 204 21.56 8.79 22.75
CA LEU B 204 22.21 8.75 21.45
C LEU B 204 21.26 9.27 20.37
N PRO B 205 21.70 10.28 19.60
CA PRO B 205 20.92 10.63 18.42
C PRO B 205 21.12 9.61 17.29
N PRO B 206 20.35 9.72 16.20
CA PRO B 206 20.43 8.74 15.11
C PRO B 206 21.83 8.59 14.49
N ARG B 207 22.18 7.36 14.13
CA ARG B 207 23.38 7.04 13.36
C ARG B 207 24.69 7.19 14.14
N ILE B 208 24.60 7.39 15.45
CA ILE B 208 25.79 7.43 16.29
C ILE B 208 26.23 6.00 16.61
N PRO B 209 27.44 5.61 16.17
CA PRO B 209 27.86 4.22 16.42
C PRO B 209 28.14 3.97 17.89
N HIS B 210 27.59 2.89 18.44
CA HIS B 210 27.79 2.56 19.85
C HIS B 210 28.05 1.07 20.04
N TYR B 211 28.94 0.78 20.97
CA TYR B 211 29.37 -0.59 21.25
C TYR B 211 29.35 -0.83 22.76
N GLY B 212 28.37 -1.60 23.22
CA GLY B 212 28.22 -1.89 24.63
C GLY B 212 28.62 -3.31 24.99
N VAL B 213 29.23 -3.47 26.16
CA VAL B 213 29.63 -4.79 26.65
C VAL B 213 29.29 -4.92 28.13
N ALA B 214 28.72 -6.05 28.51
CA ALA B 214 28.34 -6.31 29.88
C ALA B 214 29.54 -6.79 30.69
N LEU B 215 29.81 -6.10 31.80
CA LEU B 215 30.91 -6.46 32.69
C LEU B 215 30.45 -7.47 33.74
N GLU B 216 29.15 -7.69 33.82
CA GLU B 216 28.58 -8.65 34.75
C GLU B 216 27.13 -8.90 34.33
N ASP B 217 26.44 -9.78 35.06
CA ASP B 217 25.02 -10.01 34.78
C ASP B 217 24.25 -8.70 34.84
N CYS B 218 23.87 -8.19 33.67
CA CYS B 218 23.30 -6.86 33.57
C CYS B 218 22.01 -6.84 32.73
N MET B 219 21.26 -5.74 32.85
CA MET B 219 20.07 -5.52 32.04
C MET B 219 19.97 -4.07 31.58
N THR B 220 19.54 -3.88 30.33
CA THR B 220 19.42 -2.56 29.75
C THR B 220 18.01 -2.32 29.23
N PHE B 221 17.47 -1.15 29.55
CA PHE B 221 16.18 -0.72 29.00
C PHE B 221 16.41 0.30 27.89
N SER B 222 16.14 -0.11 26.65
CA SER B 222 16.30 0.77 25.51
C SER B 222 14.98 1.46 25.15
N ILE B 223 14.86 2.72 25.53
CA ILE B 223 13.71 3.53 25.13
C ILE B 223 13.94 4.04 23.71
N GLY B 224 13.16 3.53 22.77
CA GLY B 224 13.35 3.81 21.36
C GLY B 224 12.31 4.77 20.80
N PHE B 225 12.74 5.55 19.80
CA PHE B 225 11.86 6.48 19.12
C PHE B 225 11.66 6.04 17.68
N ARG B 226 10.73 6.68 16.97
CA ARG B 226 10.49 6.38 15.57
C ARG B 226 10.37 7.65 14.75
N ALA B 227 10.96 7.62 13.56
CA ALA B 227 10.82 8.69 12.59
C ALA B 227 10.53 8.07 11.22
N PRO B 228 9.34 8.33 10.67
CA PRO B 228 9.03 7.70 9.38
C PRO B 228 9.91 8.18 8.23
N ASP B 229 10.41 7.26 7.41
CA ASP B 229 11.07 7.61 6.16
C ASP B 229 10.02 7.65 5.06
N GLN B 230 10.44 8.01 3.86
CA GLN B 230 9.51 8.10 2.74
C GLN B 230 8.98 6.72 2.38
N ALA B 231 9.85 5.71 2.46
CA ALA B 231 9.47 4.36 2.07
C ALA B 231 8.30 3.84 2.91
N GLU B 232 8.32 4.11 4.21
CA GLU B 232 7.24 3.67 5.08
C GLU B 232 5.97 4.44 4.77
N LEU B 233 6.10 5.75 4.59
CA LEU B 233 4.96 6.60 4.31
C LEU B 233 4.27 6.17 3.02
N ALA B 234 5.07 5.76 2.04
CA ALA B 234 4.51 5.27 0.77
C ALA B 234 3.74 3.97 0.98
N GLU B 235 4.27 3.10 1.82
CA GLU B 235 3.66 1.80 2.08
C GLU B 235 2.38 1.93 2.90
N ALA B 236 2.24 3.05 3.61
CA ALA B 236 1.08 3.28 4.47
C ALA B 236 -0.07 3.92 3.70
N MET B 237 0.24 4.44 2.52
CA MET B 237 -0.73 5.23 1.75
C MET B 237 -2.00 4.51 1.30
N PRO B 238 -1.96 3.17 1.14
CA PRO B 238 -3.22 2.52 0.76
C PRO B 238 -4.34 2.71 1.78
N ARG B 239 -4.00 3.12 3.00
CA ARG B 239 -4.99 3.40 4.02
C ARG B 239 -5.74 4.71 3.78
N MET B 240 -5.19 5.56 2.93
CA MET B 240 -5.86 6.79 2.53
C MET B 240 -7.19 6.49 1.85
N ALA B 241 -7.25 5.34 1.19
CA ALA B 241 -8.43 4.93 0.44
C ALA B 241 -9.66 4.85 1.33
N ALA B 242 -9.45 4.72 2.64
CA ALA B 242 -10.53 4.56 3.60
C ALA B 242 -11.45 5.77 3.66
N TRP B 243 -10.89 6.97 3.48
CA TRP B 243 -11.64 8.21 3.59
C TRP B 243 -12.01 8.85 2.25
N LEU B 244 -11.77 8.13 1.15
CA LEU B 244 -11.83 8.75 -0.18
C LEU B 244 -13.16 8.63 -0.90
N ASP B 245 -13.73 7.43 -0.91
CA ASP B 245 -14.96 7.16 -1.65
C ASP B 245 -14.73 7.26 -3.15
N GLY B 246 -13.53 6.85 -3.59
CA GLY B 246 -13.14 6.93 -4.98
C GLY B 246 -12.27 8.15 -5.26
N GLY B 247 -12.85 9.33 -5.08
CA GLY B 247 -12.12 10.57 -5.31
C GLY B 247 -12.16 10.99 -6.76
N ARG B 248 -11.32 11.97 -7.11
CA ARG B 248 -11.27 12.47 -8.49
C ARG B 248 -10.67 11.42 -9.42
N ARG B 249 -11.22 11.37 -10.64
CA ARG B 249 -10.85 10.37 -11.64
C ARG B 249 -10.08 11.01 -12.79
N TYR B 250 -9.06 10.32 -13.27
CA TYR B 250 -8.35 10.75 -14.47
C TYR B 250 -9.33 10.92 -15.62
N ALA B 251 -9.27 12.07 -16.30
CA ALA B 251 -10.14 12.36 -17.42
C ALA B 251 -9.34 13.01 -18.54
N ASP B 252 -9.64 12.61 -19.78
CA ASP B 252 -8.97 13.15 -20.94
C ASP B 252 -9.96 13.41 -22.08
N PRO B 253 -10.90 14.33 -21.87
CA PRO B 253 -11.88 14.65 -22.91
C PRO B 253 -11.24 15.36 -24.10
N ASP B 254 -10.13 16.05 -23.84
CA ASP B 254 -9.42 16.79 -24.86
C ASP B 254 -8.29 15.96 -25.47
N LEU B 255 -8.48 14.65 -25.48
CA LEU B 255 -7.48 13.74 -25.99
C LEU B 255 -7.32 13.87 -27.50
N THR B 256 -6.08 14.04 -27.96
CA THR B 256 -5.78 14.05 -29.38
C THR B 256 -5.23 12.68 -29.76
N PRO B 257 -5.44 12.24 -31.02
CA PRO B 257 -5.00 10.90 -31.43
C PRO B 257 -3.53 10.63 -31.13
N ALA B 258 -3.27 9.47 -30.55
CA ALA B 258 -1.92 9.14 -30.09
C ALA B 258 -0.95 8.98 -31.25
N ASP B 259 0.10 9.81 -31.27
CA ASP B 259 1.18 9.63 -32.21
C ASP B 259 1.79 8.25 -32.00
N GLU B 260 2.31 8.04 -30.79
CA GLU B 260 2.79 6.74 -30.34
C GLU B 260 1.88 6.22 -29.23
N PRO B 261 1.10 5.15 -29.49
CA PRO B 261 0.10 4.73 -28.50
C PRO B 261 0.71 4.23 -27.19
N GLY B 262 1.96 3.81 -27.22
CA GLY B 262 2.61 3.28 -26.03
C GLY B 262 3.13 4.36 -25.10
N GLU B 263 3.07 5.62 -25.53
CA GLU B 263 3.65 6.69 -24.75
C GLU B 263 2.71 7.18 -23.66
N ILE B 264 3.19 7.13 -22.43
CA ILE B 264 2.57 7.86 -21.34
C ILE B 264 3.02 9.32 -21.49
N THR B 265 2.15 10.13 -22.07
CA THR B 265 2.51 11.48 -22.47
C THR B 265 2.83 12.38 -21.28
N PRO B 266 3.58 13.47 -21.52
CA PRO B 266 3.84 14.47 -20.47
C PRO B 266 2.56 15.10 -19.93
N GLU B 267 1.54 15.23 -20.76
CA GLU B 267 0.26 15.80 -20.32
C GLU B 267 -0.47 14.80 -19.43
N ALA B 268 -0.23 13.51 -19.66
CA ALA B 268 -0.84 12.47 -18.84
C ALA B 268 -0.21 12.45 -17.46
N LEU B 269 1.11 12.55 -17.41
CA LEU B 269 1.84 12.56 -16.14
C LEU B 269 1.54 13.80 -15.32
N ASP B 270 1.21 14.89 -16.00
CA ASP B 270 0.80 16.12 -15.33
C ASP B 270 -0.44 15.87 -14.48
N GLN B 271 -1.45 15.25 -15.09
CA GLN B 271 -2.71 15.01 -14.41
C GLN B 271 -2.55 13.99 -13.28
N ILE B 272 -1.67 13.02 -13.45
CA ILE B 272 -1.38 12.07 -12.38
C ILE B 272 -0.78 12.81 -11.19
N GLN B 273 0.16 13.72 -11.46
CA GLN B 273 0.76 14.54 -10.41
C GLN B 273 -0.30 15.39 -9.70
N ALA B 274 -1.19 15.99 -10.48
CA ALA B 274 -2.25 16.82 -9.94
C ALA B 274 -3.14 16.02 -8.99
N LEU B 275 -3.50 14.81 -9.38
CA LEU B 275 -4.38 13.98 -8.57
C LEU B 275 -3.75 13.61 -7.24
N LEU B 276 -2.45 13.30 -7.26
CA LEU B 276 -1.75 12.93 -6.04
C LEU B 276 -1.53 14.14 -5.13
N ARG B 277 -1.20 15.30 -5.70
CA ARG B 277 -1.03 16.51 -4.92
C ARG B 277 -2.29 16.88 -4.15
N ALA B 278 -3.43 16.89 -4.86
CA ALA B 278 -4.72 17.21 -4.26
C ALA B 278 -5.01 16.27 -3.10
N LEU B 279 -4.47 15.07 -3.19
CA LEU B 279 -4.57 14.07 -2.14
C LEU B 279 -3.73 14.50 -0.94
N ILE B 280 -2.47 14.82 -1.22
CA ILE B 280 -1.52 15.18 -0.18
C ILE B 280 -1.83 16.55 0.45
N ASP B 281 -2.32 17.48 -0.36
CA ASP B 281 -2.50 18.86 0.09
C ASP B 281 -3.82 19.09 0.84
N ASP B 282 -4.60 18.04 1.01
CA ASP B 282 -5.79 18.12 1.85
C ASP B 282 -5.42 17.77 3.29
N ARG B 283 -5.35 18.80 4.14
CA ARG B 283 -4.80 18.63 5.47
C ARG B 283 -5.74 17.86 6.40
N GLU B 284 -7.05 18.01 6.21
CA GLU B 284 -8.01 17.27 7.01
C GLU B 284 -7.83 15.79 6.75
N ARG B 285 -7.66 15.46 5.47
CA ARG B 285 -7.53 14.09 5.01
C ARG B 285 -6.18 13.50 5.41
N LEU B 286 -5.14 14.31 5.29
CA LEU B 286 -3.77 13.86 5.58
C LEU B 286 -3.57 13.64 7.08
N ALA B 287 -4.23 14.46 7.88
CA ALA B 287 -4.10 14.37 9.34
C ALA B 287 -4.68 13.04 9.84
N ARG B 288 -5.85 12.68 9.32
CA ARG B 288 -6.51 11.44 9.73
C ARG B 288 -5.72 10.21 9.31
N TRP B 289 -5.18 10.26 8.09
CA TRP B 289 -4.38 9.15 7.59
C TRP B 289 -3.15 8.94 8.45
N PHE B 290 -2.39 10.02 8.66
CA PHE B 290 -1.14 9.92 9.40
C PHE B 290 -1.35 9.54 10.85
N GLY B 291 -2.41 10.09 11.46
CA GLY B 291 -2.73 9.79 12.84
C GLY B 291 -2.99 8.30 13.04
N CYS B 292 -3.62 7.68 12.05
CA CYS B 292 -3.90 6.26 12.11
C CYS B 292 -2.64 5.43 11.93
N ILE B 293 -1.95 5.62 10.81
CA ILE B 293 -0.84 4.76 10.44
C ILE B 293 0.36 4.90 11.39
N ILE B 294 0.40 5.99 12.16
CA ILE B 294 1.52 6.21 13.07
C ILE B 294 1.25 5.63 14.46
N THR B 295 -0.02 5.43 14.79
CA THR B 295 -0.39 4.81 16.07
C THR B 295 -0.70 3.33 15.90
N GLU B 296 -0.78 2.86 14.66
CA GLU B 296 -1.01 1.45 14.39
C GLU B 296 0.08 0.61 15.03
N PRO B 297 -0.29 -0.51 15.68
CA PRO B 297 0.74 -1.40 16.21
C PRO B 297 1.70 -1.92 15.13
N ARG B 298 3.00 -1.75 15.37
CA ARG B 298 4.01 -2.07 14.36
C ARG B 298 4.30 -3.56 14.25
N ARG B 299 4.13 -4.29 15.35
CA ARG B 299 4.47 -5.70 15.40
C ARG B 299 3.22 -6.54 15.67
N GLY B 300 3.31 -7.52 16.56
CA GLY B 300 2.23 -8.47 16.77
C GLY B 300 1.44 -8.29 18.06
N LEU B 301 1.53 -7.11 18.68
CA LEU B 301 0.86 -6.86 19.95
C LEU B 301 -0.20 -5.78 19.84
N PRO B 302 -1.39 -6.13 19.32
CA PRO B 302 -2.50 -5.18 19.35
C PRO B 302 -3.08 -5.03 20.75
N PRO B 303 -3.96 -4.05 20.96
CA PRO B 303 -4.62 -3.90 22.26
C PRO B 303 -5.50 -5.10 22.60
N GLU B 304 -5.48 -5.55 23.86
CA GLU B 304 -6.25 -6.70 24.29
C GLU B 304 -7.54 -6.30 24.99
N PRO B 305 -8.72 -6.67 24.44
CA PRO B 305 -9.99 -6.35 25.10
C PRO B 305 -10.12 -6.97 26.48
N PRO B 306 -10.93 -6.36 27.36
CA PRO B 306 -11.09 -6.84 28.74
C PRO B 306 -11.89 -8.13 28.82
N GLY B 307 -12.06 -8.64 30.04
CA GLY B 307 -12.74 -9.91 30.26
C GLY B 307 -14.22 -9.87 29.93
N ARG B 308 -14.89 -8.84 30.39
CA ARG B 308 -16.34 -8.73 30.22
C ARG B 308 -16.77 -7.31 29.84
N PRO B 309 -17.99 -7.17 29.30
CA PRO B 309 -18.51 -5.85 28.97
C PRO B 309 -18.81 -4.97 30.19
N LEU B 310 -19.00 -3.67 29.94
CA LEU B 310 -19.08 -2.68 31.00
C LEU B 310 -20.06 -1.58 30.57
N SER B 311 -21.13 -1.40 31.35
CA SER B 311 -22.14 -0.41 31.01
C SER B 311 -21.64 1.00 31.30
N ALA B 312 -22.23 1.98 30.62
CA ALA B 312 -21.86 3.38 30.83
C ALA B 312 -22.10 3.79 32.28
N LYS B 313 -23.23 3.38 32.84
CA LYS B 313 -23.58 3.76 34.20
C LYS B 313 -22.65 3.10 35.23
N GLN B 314 -22.21 1.87 34.95
CA GLN B 314 -21.30 1.17 35.84
C GLN B 314 -19.93 1.85 35.85
N LEU B 315 -19.48 2.24 34.66
CA LEU B 315 -18.20 2.93 34.54
C LEU B 315 -18.23 4.21 35.34
N HIS B 316 -19.21 5.06 35.05
CA HIS B 316 -19.38 6.32 35.77
C HIS B 316 -19.38 6.09 37.28
N ARG B 317 -20.15 5.10 37.72
CA ARG B 317 -20.22 4.77 39.15
C ARG B 317 -18.85 4.36 39.69
N ARG B 318 -18.27 3.32 39.10
CA ARG B 318 -16.99 2.80 39.56
C ARG B 318 -15.91 3.87 39.52
N LEU B 319 -16.02 4.78 38.56
CA LEU B 319 -15.02 5.81 38.35
C LEU B 319 -15.04 6.86 39.46
N GLN B 320 -16.24 7.22 39.92
CA GLN B 320 -16.38 8.23 40.96
C GLN B 320 -16.31 7.62 42.36
N GLN B 321 -15.91 6.36 42.45
CA GLN B 321 -15.61 5.72 43.73
C GLN B 321 -14.10 5.58 43.91
N GLY B 322 -13.34 6.31 43.10
CA GLY B 322 -11.89 6.34 43.22
C GLY B 322 -11.15 5.44 42.24
N ALA B 323 -11.87 4.85 41.30
CA ALA B 323 -11.24 4.03 40.27
C ALA B 323 -10.44 4.90 39.33
N THR B 324 -9.41 4.32 38.73
CA THR B 324 -8.49 5.06 37.88
C THR B 324 -8.46 4.46 36.48
N LEU B 325 -8.24 5.31 35.48
CA LEU B 325 -8.03 4.84 34.11
C LEU B 325 -6.55 4.93 33.76
N ARG B 326 -6.01 3.83 33.24
CA ARG B 326 -4.60 3.74 32.90
C ARG B 326 -4.41 3.63 31.39
N ARG B 327 -3.42 4.34 30.87
CA ARG B 327 -3.09 4.27 29.46
C ARG B 327 -2.18 3.06 29.21
N ASN B 328 -2.61 2.17 28.33
CA ASN B 328 -1.89 0.93 28.09
C ASN B 328 -0.79 1.06 27.05
N ALA B 329 -0.98 1.97 26.11
CA ALA B 329 -0.01 2.16 25.03
C ALA B 329 0.07 3.61 24.61
N ILE B 330 0.84 4.39 25.36
CA ILE B 330 1.03 5.81 25.09
C ILE B 330 1.60 6.10 23.70
N PRO B 331 2.54 5.27 23.23
CA PRO B 331 3.08 5.49 21.88
C PRO B 331 2.02 5.35 20.80
N GLU B 332 0.93 4.65 21.10
CA GLU B 332 -0.15 4.44 20.15
C GLU B 332 -1.35 5.33 20.46
N LEU B 333 -1.07 6.48 21.06
CA LEU B 333 -2.10 7.40 21.51
C LEU B 333 -1.75 8.84 21.09
N ALA B 334 -2.60 9.44 20.25
CA ALA B 334 -2.33 10.77 19.71
C ALA B 334 -3.61 11.48 19.28
N TYR B 335 -3.51 12.75 18.92
CA TYR B 335 -4.69 13.50 18.47
C TYR B 335 -4.35 14.68 17.55
N VAL B 336 -5.37 15.23 16.92
CA VAL B 336 -5.22 16.34 15.99
C VAL B 336 -6.40 17.30 16.11
N ARG B 337 -6.11 18.59 16.07
CA ARG B 337 -7.14 19.62 16.09
C ARG B 337 -7.41 20.14 14.68
N HIS B 338 -8.66 20.47 14.39
CA HIS B 338 -9.05 20.96 13.08
C HIS B 338 -9.51 22.42 13.16
N ALA B 339 -9.65 23.05 12.00
CA ALA B 339 -10.05 24.44 11.93
C ALA B 339 -11.43 24.68 12.54
N ASP B 340 -12.28 23.65 12.50
CA ASP B 340 -13.65 23.76 13.00
C ASP B 340 -13.65 23.97 14.51
N GLY B 341 -12.61 23.47 15.16
CA GLY B 341 -12.57 23.39 16.60
C GLY B 341 -12.79 21.94 17.02
N SER B 342 -13.19 21.11 16.05
CA SER B 342 -13.32 19.68 16.27
C SER B 342 -11.94 19.03 16.33
N ALA B 343 -11.91 17.76 16.72
CA ALA B 343 -10.65 17.03 16.83
C ALA B 343 -10.86 15.56 16.50
N THR B 344 -9.77 14.90 16.14
CA THR B 344 -9.77 13.47 15.91
C THR B 344 -8.79 12.81 16.87
N LEU B 345 -9.26 11.78 17.57
CA LEU B 345 -8.43 11.04 18.50
C LEU B 345 -7.92 9.78 17.81
N PHE B 346 -6.68 9.41 18.12
CA PHE B 346 -6.07 8.22 17.53
C PHE B 346 -5.60 7.25 18.60
N ALA B 347 -6.11 6.02 18.52
CA ALA B 347 -5.75 4.96 19.46
C ALA B 347 -5.52 3.66 18.71
N SER B 348 -4.26 3.24 18.63
CA SER B 348 -3.89 1.97 18.03
C SER B 348 -4.46 1.78 16.63
N GLY B 349 -4.24 2.79 15.77
CA GLY B 349 -4.59 2.68 14.36
C GLY B 349 -6.00 3.11 14.01
N GLU B 350 -6.81 3.41 15.02
CA GLU B 350 -8.21 3.77 14.80
C GLU B 350 -8.44 5.25 15.09
N ALA B 351 -9.44 5.82 14.42
CA ALA B 351 -9.77 7.23 14.57
C ALA B 351 -11.13 7.40 15.24
N TYR B 352 -11.19 8.32 16.21
CA TYR B 352 -12.42 8.63 16.90
C TYR B 352 -12.70 10.13 16.79
N GLU B 353 -13.80 10.47 16.14
CA GLU B 353 -14.13 11.87 15.87
C GLU B 353 -14.71 12.55 17.10
N LEU B 354 -14.19 13.73 17.40
CA LEU B 354 -14.65 14.51 18.55
C LEU B 354 -15.31 15.80 18.08
N SER B 355 -16.53 16.02 18.54
CA SER B 355 -17.21 17.28 18.29
C SER B 355 -16.49 18.40 19.06
N PRO B 356 -16.69 19.65 18.64
CA PRO B 356 -16.04 20.76 19.37
C PRO B 356 -16.45 20.82 20.84
N GLU B 357 -17.60 20.26 21.16
CA GLU B 357 -18.04 20.18 22.55
C GLU B 357 -17.07 19.33 23.37
N LEU B 358 -16.51 18.30 22.72
CA LEU B 358 -15.66 17.32 23.38
C LEU B 358 -14.18 17.47 23.04
N ALA B 359 -13.86 18.35 22.11
CA ALA B 359 -12.53 18.44 21.50
C ALA B 359 -11.36 18.47 22.50
N ASP B 360 -11.62 18.92 23.72
CA ASP B 360 -10.58 19.12 24.73
C ASP B 360 -10.37 17.94 25.68
N VAL B 361 -11.01 16.81 25.42
CA VAL B 361 -10.66 15.57 26.13
C VAL B 361 -9.47 14.90 25.46
N ALA B 362 -9.26 15.22 24.17
CA ALA B 362 -8.14 14.66 23.43
C ALA B 362 -6.80 14.96 24.09
N PRO B 363 -6.52 16.25 24.38
CA PRO B 363 -5.28 16.55 25.10
C PRO B 363 -5.19 15.85 26.44
N LEU B 364 -6.33 15.69 27.11
CA LEU B 364 -6.37 15.05 28.42
C LEU B 364 -6.03 13.56 28.34
N LEU B 365 -6.77 12.81 27.53
CA LEU B 365 -6.62 11.37 27.46
C LEU B 365 -5.24 10.95 26.97
N THR B 366 -4.57 11.82 26.21
CA THR B 366 -3.27 11.50 25.63
C THR B 366 -2.12 12.11 26.41
N GLY B 367 -2.43 12.99 27.35
CA GLY B 367 -1.42 13.79 28.03
C GLY B 367 -0.81 13.15 29.27
N ARG B 368 -0.19 13.98 30.10
CA ARG B 368 0.54 13.50 31.27
C ARG B 368 -0.37 13.28 32.47
N ARG B 369 -1.46 14.03 32.53
CA ARG B 369 -2.30 14.07 33.72
C ARG B 369 -2.96 12.74 34.04
N PRO B 370 -3.12 12.42 35.33
CA PRO B 370 -3.77 11.17 35.75
C PRO B 370 -5.27 11.21 35.48
N LEU B 371 -5.81 10.09 35.00
CA LEU B 371 -7.23 10.00 34.69
C LEU B 371 -8.02 9.55 35.91
N THR B 372 -8.74 10.49 36.51
CA THR B 372 -9.51 10.25 37.73
C THR B 372 -10.85 10.97 37.66
N ALA B 373 -11.61 10.89 38.75
CA ALA B 373 -12.89 11.60 38.83
C ALA B 373 -12.66 13.10 38.88
N GLU B 374 -11.68 13.53 39.68
CA GLU B 374 -11.31 14.94 39.77
C GLU B 374 -10.90 15.47 38.40
N THR B 375 -9.99 14.75 37.75
CA THR B 375 -9.46 15.14 36.46
C THR B 375 -10.52 15.13 35.35
N LEU B 376 -11.45 14.18 35.42
CA LEU B 376 -12.45 14.00 34.38
C LEU B 376 -13.77 14.72 34.65
N ARG B 377 -13.87 15.42 35.77
CA ARG B 377 -15.13 16.03 36.22
C ARG B 377 -15.89 16.80 35.13
N PRO B 378 -15.19 17.66 34.37
CA PRO B 378 -15.83 18.49 33.35
C PRO B 378 -16.76 17.75 32.38
N TRP B 379 -16.30 16.64 31.79
CA TRP B 379 -17.07 15.94 30.76
C TRP B 379 -17.79 14.69 31.27
N LEU B 380 -17.56 14.34 32.53
CA LEU B 380 -17.99 13.05 33.04
C LEU B 380 -19.50 12.83 33.05
N GLU B 381 -20.27 13.91 32.92
CA GLU B 381 -21.72 13.82 32.93
C GLU B 381 -22.32 13.88 31.53
N ARG B 382 -21.46 14.07 30.52
CA ARG B 382 -21.90 13.99 29.13
C ARG B 382 -22.01 12.53 28.70
N ASP B 383 -23.12 12.17 28.07
CA ASP B 383 -23.34 10.81 27.63
C ASP B 383 -22.32 10.40 26.57
N ASP B 384 -22.10 11.27 25.60
CA ASP B 384 -21.21 10.95 24.48
C ASP B 384 -19.77 10.76 24.93
N PHE B 385 -19.40 11.34 26.07
CA PHE B 385 -18.04 11.17 26.58
C PHE B 385 -17.90 9.82 27.26
N LEU B 386 -18.96 9.34 27.89
CA LEU B 386 -18.94 8.03 28.53
C LEU B 386 -18.93 6.93 27.49
N GLU B 387 -19.60 7.16 26.37
CA GLU B 387 -19.58 6.20 25.27
C GLU B 387 -18.16 6.04 24.74
N LEU B 388 -17.43 7.15 24.69
CA LEU B 388 -16.05 7.14 24.21
C LEU B 388 -15.15 6.34 25.14
N LEU B 389 -15.29 6.55 26.44
CA LEU B 389 -14.51 5.81 27.41
C LEU B 389 -14.84 4.33 27.34
N GLN B 390 -16.14 4.04 27.21
CA GLN B 390 -16.62 2.68 27.09
C GLN B 390 -15.95 1.98 25.91
N THR B 391 -15.91 2.68 24.77
CA THR B 391 -15.28 2.16 23.58
C THR B 391 -13.79 1.90 23.80
N LEU B 392 -13.11 2.88 24.38
CA LEU B 392 -11.67 2.79 24.60
C LEU B 392 -11.32 1.69 25.60
N ILE B 393 -12.19 1.50 26.60
CA ILE B 393 -12.00 0.43 27.57
C ILE B 393 -12.22 -0.94 26.94
N HIS B 394 -13.24 -1.05 26.10
CA HIS B 394 -13.57 -2.31 25.44
C HIS B 394 -12.55 -2.67 24.38
N SER B 395 -11.89 -1.67 23.81
CA SER B 395 -10.88 -1.91 22.79
C SER B 395 -9.55 -2.33 23.41
N GLY B 396 -9.34 -1.94 24.66
CA GLY B 396 -8.12 -2.28 25.38
C GLY B 396 -7.15 -1.11 25.43
N ILE B 397 -7.61 0.07 25.00
CA ILE B 397 -6.79 1.26 25.00
C ILE B 397 -6.56 1.76 26.42
N LEU B 398 -7.62 1.78 27.21
CA LEU B 398 -7.54 2.16 28.61
C LEU B 398 -7.92 0.99 29.50
N SER B 399 -7.17 0.80 30.58
CA SER B 399 -7.49 -0.21 31.58
C SER B 399 -8.10 0.44 32.81
N LEU B 400 -9.20 -0.13 33.30
CA LEU B 400 -9.86 0.39 34.48
C LEU B 400 -9.26 -0.24 35.74
N ILE B 401 -8.74 0.62 36.61
CA ILE B 401 -7.99 0.19 37.79
C ILE B 401 -8.71 0.57 39.09
N PRO B 402 -9.03 -0.43 39.94
CA PRO B 402 -9.63 -0.11 41.25
C PRO B 402 -8.67 0.61 42.19
N ALA B 403 -9.20 1.13 43.30
CA ALA B 403 -8.39 1.79 44.30
C ALA B 403 -8.02 0.83 45.43
C1 CIT C . -21.04 -26.15 -30.32
O1 CIT C . -20.09 -25.41 -30.66
O2 CIT C . -21.10 -27.30 -30.79
C2 CIT C . -22.10 -25.62 -29.37
C3 CIT C . -23.39 -26.47 -29.33
O7 CIT C . -23.05 -27.83 -29.00
C4 CIT C . -24.28 -25.92 -28.23
C5 CIT C . -25.45 -26.84 -27.97
O3 CIT C . -25.49 -27.97 -28.49
O4 CIT C . -26.39 -26.47 -27.22
C6 CIT C . -24.11 -26.47 -30.69
O5 CIT C . -25.30 -26.07 -30.77
O6 CIT C . -23.56 -26.87 -31.73
O18 UN9 D . -28.72 -31.62 -22.89
C16 UN9 D . -27.89 -30.58 -22.75
O17 UN9 D . -26.65 -30.77 -22.69
C15 UN9 D . -28.42 -29.17 -22.66
N14 UN9 D . -27.27 -28.28 -22.70
C12 UN9 D . -27.32 -26.97 -23.22
O13 UN9 D . -28.30 -26.52 -23.68
C9 UN9 D . -26.04 -26.17 -23.21
N8 UN9 D . -25.03 -27.08 -23.01
C7 UN9 D . -23.76 -26.59 -22.95
CL1 UN9 D . -22.39 -27.69 -22.71
C2 UN9 D . -23.52 -25.22 -23.09
C10 UN9 D . -25.84 -24.79 -23.34
O19 UN9 D . -27.03 -23.99 -23.55
C3 UN9 D . -24.55 -24.31 -23.29
C4 UN9 D . -24.23 -22.91 -23.42
C5 UN9 D . -22.89 -22.49 -23.35
C6 UN9 D . -21.85 -23.43 -23.15
C1 UN9 D . -22.16 -24.79 -23.02
O18 UN9 E . -30.06 -19.18 -33.71
C16 UN9 E . -28.85 -19.12 -34.30
O17 UN9 E . -28.47 -18.07 -34.84
C15 UN9 E . -27.95 -20.32 -34.29
N14 UN9 E . -26.59 -19.83 -34.17
C12 UN9 E . -25.76 -20.24 -33.10
O13 UN9 E . -26.19 -21.00 -32.31
C9 UN9 E . -24.34 -19.76 -32.95
N8 UN9 E . -24.30 -18.95 -31.83
C7 UN9 E . -23.09 -18.41 -31.49
CL1 UN9 E . -22.95 -17.34 -30.09
C2 UN9 E . -21.93 -18.69 -32.26
C10 UN9 E . -23.22 -20.08 -33.72
O19 UN9 E . -23.38 -20.95 -34.86
C3 UN9 E . -22.00 -19.52 -33.37
C4 UN9 E . -20.80 -19.78 -34.13
C5 UN9 E . -19.60 -19.20 -33.74
C6 UN9 E . -19.53 -18.36 -32.61
C1 UN9 E . -20.69 -18.10 -31.87
C1 GOL F . -23.07 -24.05 -32.56
O1 GOL F . -22.29 -23.67 -33.68
C2 GOL F . -23.62 -22.78 -31.92
O2 GOL F . -22.54 -21.98 -31.48
C3 GOL F . -24.56 -23.06 -30.75
O3 GOL F . -24.52 -21.99 -29.83
MN MN G . 21.42 0.19 19.54
#